data_3SLI
#
_entry.id   3SLI
#
_cell.length_a   46.196
_cell.length_b   69.290
_cell.length_c   72.323
_cell.angle_alpha   112.78
_cell.angle_beta   95.62
_cell.angle_gamma   107.14
#
_symmetry.space_group_name_H-M   'P 1'
#
loop_
_entity.id
_entity.type
_entity.pdbx_description
1 polymer 'INTRAMOLECULAR TRANS-SIALIDASE'
2 non-polymer '2-ACETYLAMINO-7-(1,2-DIHYDROXY-ETHYL)-3-HYDROXY-6,8-DIOXA-BICYCLO[3.2.1]OCTANE-5-CARBOXYLIC ACID'
3 water water
#
_entity_poly.entity_id   1
_entity_poly.type   'polypeptide(L)'
_entity_poly.pdbx_seq_one_letter_code
;IPEGILMEKNNVDIAEGQGYSLDQEAGAKYVKAMTQGTIILSYKSTSENGIQSLFSVGNSTAGNQDRHFHIYITNSGGIG
IELRNTDGVFNYTLDRPASVRALYKGERVFNTVALKADAANKQCRLFANGELLATLDKDAFKFISDITGVDNVTLGGTKR
QGKIAYPFGGTIGDIKVYSNALSDEELIQATGVTTYGENIFYAGDVTESNYFRIPSLLTLSTGTVISAADARYGGTHDSK
SKINIAFAKSTDGGNTWSEPTLPLKFDDYIAKNIDWPRDSVGKNVQIQGSASYIDPVLLEDKLTKRIFLFADLMPAGIGS
SNASVGSGFKEVNGKKYLKLRWHKDAGRAYDYTIREKGVIYNDATNQPTEFRVDGEYNLYQHDTNLTCKQYDYNFSGNNL
IESKTDVDVNMNIFYKNSVFKAFPTNYLAMRYSDDEGASWSDLDIVSSFKPEVSKFLVVGPGIGKQISTGENAGRLLVPL
YSKSSAELGFMYSDDHGDNWTYVEADNLTGGATAEAQIVEMPDGSLKTYLRTGSNCIAEVTSIDGGETWSDRVPLQGIST
TSYGTQLSVINYSQPIDGKPAIILSSPNATNGRKNGKIWIGLVNDTGNTGIDKYSVEWKYSYAVDTPQMGYSYSCLAELP
DGQVGLLYEKYDSWSRNELHLKDILKFEKYSISELTGQA
;
_entity_poly.pdbx_strand_id   A
#
loop_
_chem_comp.id
_chem_comp.type
_chem_comp.name
_chem_comp.formula
SKD non-polymer '2-ACETYLAMINO-7-(1,2-DIHYDROXY-ETHYL)-3-HYDROXY-6,8-DIOXA-BICYCLO[3.2.1]OCTANE-5-CARBOXYLIC ACID' 'C11 H17 N O8'
#
# COMPACT_ATOMS: atom_id res chain seq x y z
N ILE A 1 14.11 18.50 40.89
CA ILE A 1 13.73 18.90 39.51
C ILE A 1 12.32 19.49 39.54
N PRO A 2 12.15 20.74 39.07
CA PRO A 2 10.83 21.38 39.07
C PRO A 2 9.85 20.72 38.10
N GLU A 3 8.56 20.97 38.33
CA GLU A 3 7.49 20.44 37.48
C GLU A 3 7.20 21.35 36.30
N GLY A 4 7.09 20.76 35.11
CA GLY A 4 6.79 21.55 33.92
C GLY A 4 7.98 21.73 33.01
N ILE A 5 7.97 22.83 32.27
CA ILE A 5 9.02 23.15 31.32
C ILE A 5 10.39 23.44 31.96
N LEU A 6 11.36 22.60 31.63
CA LEU A 6 12.73 22.73 32.11
C LEU A 6 13.55 23.56 31.13
N MET A 7 13.18 23.52 29.86
CA MET A 7 13.93 24.23 28.84
C MET A 7 13.06 24.44 27.61
N GLU A 8 13.22 25.60 26.98
CA GLU A 8 12.48 25.93 25.77
C GLU A 8 13.38 26.78 24.91
N LYS A 9 13.33 26.53 23.60
CA LYS A 9 14.15 27.29 22.66
C LYS A 9 13.34 27.43 21.38
N ASN A 10 13.61 28.48 20.62
CA ASN A 10 12.86 28.76 19.41
C ASN A 10 13.72 29.26 18.26
N ASN A 11 13.36 28.87 17.04
CA ASN A 11 14.04 29.26 15.80
C ASN A 11 15.56 29.14 15.83
N VAL A 12 16.06 27.92 15.97
CA VAL A 12 17.50 27.68 16.03
C VAL A 12 18.02 27.06 14.73
N ASP A 13 18.87 27.79 14.01
CA ASP A 13 19.46 27.29 12.78
C ASP A 13 20.74 26.52 13.09
N ILE A 14 20.83 25.30 12.55
CA ILE A 14 21.99 24.45 12.80
C ILE A 14 22.74 24.10 11.52
N ALA A 15 24.00 24.51 11.45
CA ALA A 15 24.85 24.21 10.31
C ALA A 15 25.21 22.74 10.40
N GLU A 16 25.09 22.05 9.28
CA GLU A 16 25.38 20.63 9.17
C GLU A 16 26.72 20.25 9.80
N GLY A 17 26.67 19.33 10.76
CA GLY A 17 27.87 18.87 11.44
C GLY A 17 28.34 19.74 12.60
N GLN A 18 27.66 20.86 12.83
CA GLN A 18 28.03 21.78 13.90
C GLN A 18 27.28 21.57 15.21
N GLY A 19 26.00 21.22 15.12
CA GLY A 19 25.20 21.05 16.32
C GLY A 19 24.96 22.40 16.98
N TYR A 20 24.38 22.38 18.18
CA TYR A 20 24.10 23.60 18.93
C TYR A 20 24.08 23.25 20.40
N SER A 21 24.89 23.93 21.20
CA SER A 21 24.99 23.68 22.63
C SER A 21 23.92 24.35 23.48
N LEU A 22 23.26 23.57 24.33
CA LEU A 22 22.23 24.08 25.24
C LEU A 22 22.74 23.99 26.68
N ASP A 23 24.05 23.84 26.83
CA ASP A 23 24.69 23.73 28.14
C ASP A 23 24.51 24.96 29.02
N GLN A 24 24.41 26.15 28.43
CA GLN A 24 24.26 27.37 29.21
C GLN A 24 22.82 27.73 29.60
N GLU A 25 21.84 26.95 29.15
CA GLU A 25 20.45 27.23 29.49
C GLU A 25 20.25 27.05 30.99
N ALA A 26 19.39 27.88 31.57
CA ALA A 26 19.11 27.85 33.00
C ALA A 26 18.71 26.46 33.51
N GLY A 27 17.97 25.73 32.69
CA GLY A 27 17.51 24.41 33.09
C GLY A 27 18.36 23.22 32.66
N ALA A 28 19.54 23.48 32.09
CA ALA A 28 20.43 22.40 31.66
C ALA A 28 20.73 21.43 32.79
N LYS A 29 20.99 21.95 33.99
CA LYS A 29 21.27 21.10 35.15
C LYS A 29 20.12 20.13 35.44
N TYR A 30 18.90 20.54 35.13
CA TYR A 30 17.74 19.68 35.37
C TYR A 30 17.60 18.66 34.24
N VAL A 31 17.79 19.11 33.00
CA VAL A 31 17.69 18.25 31.83
C VAL A 31 18.72 17.11 31.88
N LYS A 32 19.92 17.43 32.37
CA LYS A 32 21.00 16.44 32.48
C LYS A 32 20.73 15.37 33.55
N ALA A 33 19.66 15.53 34.31
CA ALA A 33 19.32 14.57 35.36
C ALA A 33 17.86 14.08 35.36
N MET A 34 17.16 14.25 34.25
CA MET A 34 15.77 13.82 34.13
C MET A 34 15.53 12.35 34.42
N THR A 35 14.56 12.08 35.29
CA THR A 35 14.21 10.71 35.66
C THR A 35 13.12 10.20 34.72
N GLN A 36 12.48 11.15 34.03
CA GLN A 36 11.41 10.90 33.06
C GLN A 36 11.13 12.24 32.39
N GLY A 37 10.07 12.32 31.59
CA GLY A 37 9.75 13.58 30.95
C GLY A 37 9.15 13.50 29.57
N THR A 38 9.06 14.64 28.90
CA THR A 38 8.51 14.73 27.56
C THR A 38 9.30 15.75 26.76
N ILE A 39 9.62 15.41 25.51
CA ILE A 39 10.33 16.33 24.64
C ILE A 39 9.50 16.48 23.38
N ILE A 40 9.23 17.71 22.99
CA ILE A 40 8.48 17.96 21.78
C ILE A 40 9.22 19.00 20.98
N LEU A 41 9.43 18.73 19.70
CA LEU A 41 10.12 19.67 18.86
C LEU A 41 9.66 19.70 17.42
N SER A 42 9.78 20.88 16.83
CA SER A 42 9.41 21.17 15.46
C SER A 42 10.75 21.37 14.75
N TYR A 43 10.95 20.71 13.60
CA TYR A 43 12.22 20.85 12.88
C TYR A 43 12.01 20.78 11.38
N LYS A 44 13.02 21.25 10.65
CA LYS A 44 13.05 21.22 9.18
C LYS A 44 14.47 20.77 8.82
N SER A 45 14.60 19.58 8.23
CA SER A 45 15.91 19.08 7.85
C SER A 45 16.29 19.48 6.42
N THR A 46 17.48 20.05 6.28
CA THR A 46 17.99 20.46 4.97
C THR A 46 19.20 19.58 4.59
N SER A 47 19.46 18.58 5.43
CA SER A 47 20.60 17.68 5.24
C SER A 47 20.22 16.34 4.66
N GLU A 48 21.18 15.75 3.95
CA GLU A 48 20.97 14.43 3.35
C GLU A 48 21.73 13.36 4.15
N ASN A 49 22.23 13.74 5.33
CA ASN A 49 22.97 12.79 6.18
C ASN A 49 22.04 11.65 6.59
N GLY A 50 22.61 10.44 6.65
CA GLY A 50 21.86 9.25 7.00
C GLY A 50 21.08 9.31 8.31
N ILE A 51 21.77 9.55 9.42
CA ILE A 51 21.14 9.63 10.74
C ILE A 51 21.38 11.05 11.25
N GLN A 52 20.30 11.68 11.73
CA GLN A 52 20.36 13.06 12.22
C GLN A 52 19.67 13.24 13.59
N SER A 53 20.50 13.42 14.63
CA SER A 53 19.98 13.64 15.99
C SER A 53 19.34 15.02 16.02
N LEU A 54 18.14 15.09 16.60
CA LEU A 54 17.41 16.33 16.76
C LEU A 54 17.78 16.95 18.12
N PHE A 55 17.81 16.09 19.14
CA PHE A 55 18.09 16.50 20.52
C PHE A 55 18.79 15.34 21.21
N SER A 56 19.81 15.65 22.03
CA SER A 56 20.55 14.63 22.77
C SER A 56 21.10 15.16 24.10
N VAL A 57 21.33 14.23 25.00
CA VAL A 57 21.88 14.51 26.31
C VAL A 57 22.78 13.32 26.60
N GLY A 58 24.04 13.55 26.94
CA GLY A 58 24.91 12.44 27.24
C GLY A 58 26.30 12.81 27.69
N ASN A 59 27.18 11.82 27.62
CA ASN A 59 28.57 11.95 28.03
C ASN A 59 29.45 12.06 26.77
N SER A 60 30.10 13.22 26.60
CA SER A 60 30.92 13.48 25.42
C SER A 60 32.38 13.01 25.50
N THR A 61 32.79 12.49 26.65
CA THR A 61 34.18 12.11 26.83
C THR A 61 34.67 10.82 26.17
N ALA A 62 35.99 10.72 26.06
CA ALA A 62 36.64 9.56 25.45
C ALA A 62 36.22 8.27 26.13
N GLY A 63 35.96 7.26 25.32
CA GLY A 63 35.55 5.97 25.82
C GLY A 63 34.11 5.90 26.27
N ASN A 64 33.42 7.02 26.24
CA ASN A 64 32.02 7.05 26.68
C ASN A 64 31.02 7.33 25.57
N GLN A 65 31.40 6.93 24.35
CA GLN A 65 30.58 7.14 23.15
C GLN A 65 29.24 6.38 23.13
N ASP A 66 29.07 5.41 24.03
CA ASP A 66 27.82 4.66 24.11
C ASP A 66 26.98 5.08 25.33
N ARG A 67 27.25 6.27 25.85
CA ARG A 67 26.52 6.80 26.99
C ARG A 67 25.80 8.08 26.58
N HIS A 68 24.55 7.94 26.15
CA HIS A 68 23.77 9.08 25.71
C HIS A 68 22.33 8.71 25.41
N PHE A 69 21.51 9.75 25.27
CA PHE A 69 20.10 9.60 24.90
C PHE A 69 19.91 10.58 23.75
N HIS A 70 19.21 10.16 22.70
CA HIS A 70 18.95 11.05 21.59
C HIS A 70 17.70 10.67 20.80
N ILE A 71 17.06 11.69 20.24
CA ILE A 71 15.87 11.51 19.41
C ILE A 71 16.44 11.87 18.03
N TYR A 72 16.23 11.00 17.04
CA TYR A 72 16.79 11.24 15.71
C TYR A 72 15.80 10.94 14.59
N ILE A 73 16.16 11.40 13.38
CA ILE A 73 15.39 11.14 12.17
C ILE A 73 16.41 10.63 11.14
N THR A 74 15.94 9.98 10.08
CA THR A 74 16.85 9.49 9.04
C THR A 74 16.46 10.12 7.71
N ASN A 75 17.38 10.11 6.75
CA ASN A 75 17.09 10.70 5.45
C ASN A 75 16.01 9.95 4.68
N SER A 76 15.61 8.79 5.19
CA SER A 76 14.57 7.99 4.56
C SER A 76 13.25 8.11 5.33
N GLY A 77 13.15 9.13 6.19
CA GLY A 77 11.94 9.37 6.95
C GLY A 77 11.70 8.59 8.23
N GLY A 78 12.69 7.82 8.68
CA GLY A 78 12.52 7.09 9.92
C GLY A 78 12.72 8.01 11.12
N ILE A 79 12.19 7.60 12.27
CA ILE A 79 12.33 8.39 13.49
C ILE A 79 12.51 7.41 14.64
N GLY A 80 13.34 7.77 15.62
CA GLY A 80 13.54 6.89 16.75
C GLY A 80 14.36 7.51 17.86
N ILE A 81 14.64 6.70 18.87
CA ILE A 81 15.44 7.11 20.00
C ILE A 81 16.39 5.98 20.35
N GLU A 82 17.42 6.31 21.11
CA GLU A 82 18.37 5.35 21.62
C GLU A 82 18.71 5.92 23.00
N LEU A 83 18.53 5.10 24.02
CA LEU A 83 18.80 5.45 25.43
C LEU A 83 19.90 4.47 25.79
N ARG A 84 21.12 4.99 25.96
CA ARG A 84 22.29 4.17 26.21
C ARG A 84 23.22 4.55 27.35
N ASN A 85 23.84 3.54 27.96
CA ASN A 85 24.84 3.74 29.01
C ASN A 85 25.77 2.53 28.91
N THR A 86 26.11 2.21 27.67
CA THR A 86 26.93 1.05 27.26
C THR A 86 26.01 -0.18 27.28
N ASP A 87 26.23 -1.07 26.31
CA ASP A 87 25.42 -2.25 26.14
C ASP A 87 25.32 -3.18 27.34
N GLY A 88 26.32 -3.16 28.20
CA GLY A 88 26.30 -3.99 29.40
C GLY A 88 25.35 -3.48 30.47
N VAL A 89 25.08 -2.16 30.46
CA VAL A 89 24.17 -1.55 31.43
C VAL A 89 22.75 -1.44 30.82
N PHE A 90 22.64 -0.80 29.66
CA PHE A 90 21.36 -0.72 28.93
C PHE A 90 21.51 -0.06 27.56
N ASN A 91 20.67 -0.53 26.64
CA ASN A 91 20.63 -0.03 25.28
C ASN A 91 19.19 -0.21 24.83
N TYR A 92 18.38 0.81 25.11
CA TYR A 92 16.95 0.81 24.79
C TYR A 92 16.73 1.58 23.50
N THR A 93 16.07 0.94 22.53
CA THR A 93 15.83 1.59 21.26
C THR A 93 14.36 1.44 20.85
N LEU A 94 13.87 2.40 20.08
CA LEU A 94 12.49 2.42 19.59
C LEU A 94 12.48 3.31 18.34
N ASP A 95 11.86 2.82 17.27
CA ASP A 95 11.79 3.58 16.03
C ASP A 95 10.62 3.11 15.15
N ARG A 96 10.33 3.89 14.12
CA ARG A 96 9.30 3.52 13.15
C ARG A 96 9.70 4.15 11.82
N PRO A 97 9.92 3.30 10.79
CA PRO A 97 10.31 3.79 9.46
C PRO A 97 9.22 4.65 8.85
N ALA A 98 9.58 5.41 7.83
CA ALA A 98 8.63 6.24 7.09
C ALA A 98 7.61 6.98 7.98
N SER A 99 8.11 7.70 8.98
CA SER A 99 7.27 8.45 9.92
C SER A 99 7.21 9.96 9.63
N VAL A 100 8.27 10.48 9.01
CA VAL A 100 8.35 11.90 8.69
C VAL A 100 8.73 12.09 7.23
N ARG A 101 8.62 13.31 6.72
CA ARG A 101 8.99 13.59 5.33
C ARG A 101 9.97 14.76 5.31
N ALA A 102 10.57 15.05 4.17
CA ALA A 102 11.53 16.14 4.08
C ALA A 102 11.10 17.25 3.17
N LEU A 103 10.47 16.88 2.06
CA LEU A 103 10.06 17.84 1.06
C LEU A 103 8.62 17.58 0.61
N TYR A 104 7.87 18.65 0.42
CA TYR A 104 6.48 18.59 -0.03
C TYR A 104 6.24 19.74 -0.99
N LYS A 105 5.83 19.41 -2.21
CA LYS A 105 5.58 20.39 -3.25
C LYS A 105 6.75 21.33 -3.49
N GLY A 106 7.93 20.73 -3.66
CA GLY A 106 9.14 21.49 -3.92
C GLY A 106 9.86 22.18 -2.80
N GLU A 107 9.29 22.20 -1.59
CA GLU A 107 9.95 22.86 -0.47
C GLU A 107 10.10 22.04 0.79
N ARG A 108 11.18 22.31 1.53
CA ARG A 108 11.46 21.63 2.79
C ARG A 108 10.39 22.06 3.79
N VAL A 109 9.78 21.09 4.46
CA VAL A 109 8.72 21.38 5.41
C VAL A 109 9.03 20.95 6.84
N PHE A 110 8.33 21.55 7.80
CA PHE A 110 8.52 21.22 9.21
C PHE A 110 7.73 20.00 9.64
N ASN A 111 8.31 19.21 10.51
CA ASN A 111 7.64 18.04 11.06
C ASN A 111 7.64 18.31 12.56
N THR A 112 6.64 17.81 13.26
CA THR A 112 6.55 18.00 14.69
C THR A 112 6.55 16.62 15.33
N VAL A 113 7.52 16.39 16.22
CA VAL A 113 7.67 15.10 16.88
C VAL A 113 7.70 15.21 18.41
N ALA A 114 7.51 14.09 19.09
CA ALA A 114 7.51 14.05 20.54
C ALA A 114 7.87 12.69 21.09
N LEU A 115 8.60 12.70 22.20
CA LEU A 115 8.96 11.48 22.88
C LEU A 115 8.46 11.65 24.30
N LYS A 116 7.75 10.65 24.79
CA LYS A 116 7.23 10.66 26.14
C LYS A 116 7.87 9.51 26.92
N ALA A 117 8.55 9.85 28.01
CA ALA A 117 9.19 8.86 28.89
C ALA A 117 8.40 8.88 30.19
N ASP A 118 7.50 7.90 30.31
CA ASP A 118 6.57 7.77 31.42
C ASP A 118 7.06 6.79 32.50
N ALA A 119 7.64 7.33 33.57
CA ALA A 119 8.14 6.50 34.67
C ALA A 119 7.05 5.68 35.35
N ALA A 120 5.92 6.32 35.65
CA ALA A 120 4.80 5.66 36.32
C ALA A 120 4.29 4.44 35.55
N ASN A 121 4.26 4.52 34.23
CA ASN A 121 3.79 3.39 33.44
C ASN A 121 4.92 2.59 32.81
N LYS A 122 6.16 2.98 33.11
CA LYS A 122 7.36 2.30 32.59
C LYS A 122 7.21 2.09 31.08
N GLN A 123 6.94 3.19 30.40
CA GLN A 123 6.67 3.18 28.98
C GLN A 123 7.25 4.39 28.25
N CYS A 124 7.69 4.15 27.02
CA CYS A 124 8.25 5.18 26.15
C CYS A 124 7.34 5.21 24.91
N ARG A 125 6.99 6.41 24.45
CA ARG A 125 6.13 6.55 23.27
C ARG A 125 6.61 7.65 22.33
N LEU A 126 6.57 7.36 21.03
CA LEU A 126 7.00 8.31 20.00
C LEU A 126 5.81 8.78 19.19
N PHE A 127 5.79 10.07 18.87
CA PHE A 127 4.71 10.67 18.10
C PHE A 127 5.30 11.53 17.02
N ALA A 128 4.54 11.71 15.94
CA ALA A 128 4.96 12.58 14.84
C ALA A 128 3.75 12.95 14.02
N ASN A 129 3.67 14.24 13.69
CA ASN A 129 2.61 14.79 12.86
C ASN A 129 1.19 14.32 13.19
N GLY A 130 0.88 14.29 14.48
CA GLY A 130 -0.44 13.91 14.94
C GLY A 130 -0.73 12.44 15.15
N GLU A 131 0.28 11.59 15.13
CA GLU A 131 0.04 10.16 15.31
C GLU A 131 1.01 9.51 16.30
N LEU A 132 0.50 8.52 17.02
CA LEU A 132 1.31 7.72 17.96
C LEU A 132 1.98 6.70 17.05
N LEU A 133 3.30 6.72 16.97
CA LEU A 133 4.04 5.81 16.08
C LEU A 133 4.50 4.50 16.67
N ALA A 134 5.05 4.53 17.88
CA ALA A 134 5.55 3.30 18.48
C ALA A 134 5.57 3.40 20.00
N THR A 135 5.62 2.24 20.65
CA THR A 135 5.63 2.14 22.10
C THR A 135 6.65 1.10 22.55
N LEU A 136 7.39 1.42 23.59
CA LEU A 136 8.38 0.52 24.16
C LEU A 136 8.04 0.35 25.64
N ASP A 137 7.92 -0.90 26.08
CA ASP A 137 7.63 -1.21 27.48
C ASP A 137 8.85 -1.86 28.10
N LYS A 138 9.21 -1.43 29.30
CA LYS A 138 10.36 -1.98 30.01
C LYS A 138 10.08 -2.09 31.51
N ASP A 139 10.38 -3.24 32.09
CA ASP A 139 10.18 -3.42 33.53
C ASP A 139 11.19 -2.56 34.27
N ALA A 140 12.42 -2.53 33.76
CA ALA A 140 13.47 -1.72 34.37
C ALA A 140 13.48 -0.39 33.62
N PHE A 141 12.64 0.54 34.04
CA PHE A 141 12.56 1.84 33.40
C PHE A 141 13.84 2.65 33.62
N LYS A 142 14.34 3.26 32.55
CA LYS A 142 15.56 4.07 32.62
C LYS A 142 15.37 5.41 31.90
N PHE A 143 16.15 6.40 32.31
CA PHE A 143 16.13 7.69 31.63
C PHE A 143 17.47 8.40 31.78
N ILE A 144 17.52 9.69 31.49
CA ILE A 144 18.76 10.45 31.54
C ILE A 144 19.50 10.35 32.88
N SER A 145 18.75 10.25 33.97
CA SER A 145 19.35 10.12 35.31
C SER A 145 20.19 8.85 35.46
N ASP A 146 19.97 7.88 34.57
CA ASP A 146 20.66 6.61 34.61
C ASP A 146 21.91 6.53 33.73
N ILE A 147 22.17 7.58 32.96
CA ILE A 147 23.36 7.61 32.12
C ILE A 147 24.52 8.13 32.98
N THR A 148 25.67 7.48 32.88
CA THR A 148 26.85 7.84 33.66
C THR A 148 27.70 8.95 33.06
N GLY A 149 27.89 10.01 33.84
CA GLY A 149 28.71 11.13 33.41
C GLY A 149 28.16 12.09 32.36
N VAL A 150 26.87 12.37 32.40
CA VAL A 150 26.29 13.30 31.44
C VAL A 150 26.98 14.66 31.60
N ASP A 151 27.38 15.25 30.48
CA ASP A 151 28.08 16.53 30.51
C ASP A 151 27.64 17.50 29.42
N ASN A 152 26.54 17.19 28.74
CA ASN A 152 26.08 18.08 27.67
C ASN A 152 24.63 17.84 27.26
N VAL A 153 24.04 18.89 26.70
CA VAL A 153 22.68 18.88 26.18
C VAL A 153 22.92 19.53 24.82
N THR A 154 22.64 18.78 23.76
CA THR A 154 22.90 19.26 22.41
C THR A 154 21.73 19.09 21.44
N LEU A 155 21.64 20.06 20.53
CA LEU A 155 20.64 20.08 19.48
C LEU A 155 21.38 19.80 18.18
N GLY A 156 20.77 19.01 17.29
CA GLY A 156 21.38 18.72 16.00
C GLY A 156 22.55 17.76 15.92
N GLY A 157 22.73 16.94 16.94
CA GLY A 157 23.83 15.99 16.93
C GLY A 157 23.98 15.35 18.30
N THR A 158 24.82 14.33 18.37
CA THR A 158 25.10 13.62 19.62
C THR A 158 26.61 13.65 19.82
N LYS A 159 27.05 14.21 20.94
CA LYS A 159 28.49 14.30 21.20
C LYS A 159 29.07 12.96 21.62
N ARG A 160 30.00 12.45 20.80
CA ARG A 160 30.66 11.17 21.05
C ARG A 160 32.17 11.40 20.94
N GLN A 161 32.86 11.21 22.06
CA GLN A 161 34.30 11.41 22.14
C GLN A 161 34.73 12.75 21.54
N GLY A 162 34.01 13.80 21.94
CA GLY A 162 34.31 15.15 21.48
C GLY A 162 33.94 15.51 20.06
N LYS A 163 33.21 14.62 19.38
CA LYS A 163 32.81 14.85 17.99
C LYS A 163 31.29 14.90 17.88
N ILE A 164 30.81 15.61 16.86
CA ILE A 164 29.38 15.68 16.62
C ILE A 164 29.00 14.48 15.73
N ALA A 165 28.33 13.50 16.32
CA ALA A 165 27.88 12.32 15.58
C ALA A 165 26.42 12.52 15.18
N TYR A 166 25.94 11.74 14.22
CA TYR A 166 24.56 11.83 13.73
C TYR A 166 24.23 13.31 13.45
N PRO A 167 25.04 13.97 12.61
CA PRO A 167 24.90 15.38 12.26
C PRO A 167 23.64 15.81 11.52
N PHE A 168 22.88 16.69 12.18
CA PHE A 168 21.67 17.28 11.61
C PHE A 168 22.06 18.58 10.89
N GLY A 169 21.23 18.98 9.95
CA GLY A 169 21.44 20.21 9.21
C GLY A 169 20.05 20.74 8.95
N GLY A 170 19.81 21.99 9.33
CA GLY A 170 18.49 22.57 9.12
C GLY A 170 18.08 23.55 10.21
N THR A 171 16.81 23.52 10.59
CA THR A 171 16.27 24.41 11.61
C THR A 171 15.41 23.71 12.67
N ILE A 172 15.66 24.02 13.93
CA ILE A 172 14.84 23.50 15.02
C ILE A 172 13.87 24.66 15.24
N GLY A 173 12.65 24.50 14.74
CA GLY A 173 11.65 25.54 14.88
C GLY A 173 11.31 25.84 16.33
N ASP A 174 11.19 24.79 17.13
CA ASP A 174 10.85 24.95 18.53
C ASP A 174 11.14 23.67 19.28
N ILE A 175 11.51 23.81 20.55
CA ILE A 175 11.74 22.66 21.41
C ILE A 175 11.31 23.02 22.83
N LYS A 176 10.60 22.09 23.45
CA LYS A 176 10.11 22.23 24.82
C LYS A 176 10.41 20.92 25.51
N VAL A 177 11.08 21.00 26.66
CA VAL A 177 11.43 19.83 27.45
C VAL A 177 10.69 19.95 28.79
N TYR A 178 9.86 18.95 29.09
CA TYR A 178 9.07 18.88 30.32
C TYR A 178 9.58 17.77 31.22
N SER A 179 9.55 17.99 32.54
CA SER A 179 9.98 16.95 33.47
C SER A 179 8.84 15.96 33.66
N ASN A 180 7.62 16.42 33.39
CA ASN A 180 6.42 15.60 33.53
C ASN A 180 6.03 14.88 32.24
N ALA A 181 5.26 13.81 32.37
CA ALA A 181 4.81 13.04 31.22
C ALA A 181 3.44 13.54 30.73
N LEU A 182 3.43 14.24 29.60
CA LEU A 182 2.18 14.76 29.05
C LEU A 182 1.33 13.59 28.54
N SER A 183 0.02 13.77 28.41
CA SER A 183 -0.85 12.69 27.95
C SER A 183 -0.72 12.49 26.44
N ASP A 184 -1.10 11.30 25.98
CA ASP A 184 -1.05 10.99 24.54
C ASP A 184 -1.91 11.99 23.77
N GLU A 185 -3.02 12.38 24.38
CA GLU A 185 -3.95 13.33 23.80
C GLU A 185 -3.27 14.68 23.53
N GLU A 186 -2.55 15.19 24.53
CA GLU A 186 -1.86 16.46 24.38
C GLU A 186 -0.79 16.37 23.29
N LEU A 187 -0.12 15.22 23.19
CA LEU A 187 0.94 15.02 22.21
C LEU A 187 0.42 14.83 20.78
N ILE A 188 -0.70 14.15 20.63
CA ILE A 188 -1.34 13.95 19.33
C ILE A 188 -1.71 15.35 18.83
N GLN A 189 -2.31 16.14 19.73
CA GLN A 189 -2.72 17.50 19.45
C GLN A 189 -1.51 18.38 19.10
N ALA A 190 -0.50 18.38 19.96
CA ALA A 190 0.70 19.18 19.76
C ALA A 190 1.44 18.87 18.45
N THR A 191 1.65 17.59 18.17
CA THR A 191 2.36 17.20 16.95
C THR A 191 1.49 17.29 15.68
N GLY A 192 0.16 17.23 15.85
CA GLY A 192 -0.75 17.30 14.72
C GLY A 192 -0.81 18.64 14.01
N VAL A 193 -0.03 19.61 14.48
CA VAL A 193 -0.01 20.93 13.87
C VAL A 193 0.63 20.93 12.49
N THR A 194 1.33 19.85 12.14
CA THR A 194 1.95 19.74 10.82
C THR A 194 1.58 18.40 10.20
N THR A 195 0.84 18.43 9.11
CA THR A 195 0.44 17.22 8.39
C THR A 195 0.49 17.56 6.91
N TYR A 196 0.78 16.57 6.07
CA TYR A 196 0.88 16.78 4.63
C TYR A 196 0.14 15.65 3.91
N GLY A 197 -0.70 16.04 2.95
CA GLY A 197 -1.48 15.06 2.22
C GLY A 197 -2.58 14.59 3.15
N GLU A 198 -3.50 13.78 2.64
CA GLU A 198 -4.57 13.28 3.50
C GLU A 198 -4.79 11.80 3.35
N ASN A 199 -5.52 11.23 4.30
CA ASN A 199 -5.85 9.82 4.27
C ASN A 199 -7.24 9.69 3.68
N ILE A 200 -7.48 8.56 3.01
CA ILE A 200 -8.81 8.25 2.49
C ILE A 200 -9.21 7.16 3.46
N PHE A 201 -8.45 6.08 3.47
CA PHE A 201 -8.67 4.96 4.39
C PHE A 201 -7.65 5.17 5.51
N TYR A 202 -7.97 4.74 6.73
CA TYR A 202 -7.05 4.91 7.85
C TYR A 202 -7.37 3.95 8.99
N ALA A 203 -6.36 3.63 9.80
CA ALA A 203 -6.54 2.72 10.93
C ALA A 203 -7.53 3.36 11.89
N GLY A 204 -8.67 2.71 12.09
CA GLY A 204 -9.67 3.26 12.97
C GLY A 204 -10.98 3.56 12.25
N ASP A 205 -10.98 3.57 10.92
CA ASP A 205 -12.21 3.82 10.17
C ASP A 205 -13.11 2.56 10.21
N VAL A 206 -14.30 2.65 9.60
CA VAL A 206 -15.23 1.53 9.62
C VAL A 206 -14.82 0.22 8.93
N THR A 207 -13.69 0.21 8.24
CA THR A 207 -13.25 -1.03 7.58
C THR A 207 -12.75 -2.00 8.66
N GLU A 208 -12.32 -1.43 9.78
CA GLU A 208 -11.77 -2.17 10.92
C GLU A 208 -10.41 -2.78 10.59
N SER A 209 -9.73 -2.24 9.58
CA SER A 209 -8.41 -2.70 9.20
C SER A 209 -7.36 -1.68 9.63
N ASN A 210 -6.26 -2.15 10.19
CA ASN A 210 -5.18 -1.26 10.60
C ASN A 210 -4.24 -0.93 9.44
N TYR A 211 -4.28 -1.75 8.39
CA TYR A 211 -3.36 -1.57 7.26
C TYR A 211 -4.03 -1.54 5.89
N PHE A 212 -3.39 -0.85 4.94
CA PHE A 212 -3.90 -0.72 3.58
C PHE A 212 -2.74 -0.76 2.59
N ARG A 213 -3.03 -1.22 1.38
CA ARG A 213 -2.04 -1.31 0.30
C ARG A 213 -2.78 -1.35 -1.03
N ILE A 214 -2.02 -1.27 -2.12
CA ILE A 214 -2.53 -1.35 -3.49
C ILE A 214 -3.63 -0.34 -3.83
N PRO A 215 -3.25 0.92 -4.01
CA PRO A 215 -4.22 1.97 -4.33
C PRO A 215 -4.80 1.98 -5.75
N SER A 216 -6.05 2.43 -5.84
CA SER A 216 -6.78 2.58 -7.08
C SER A 216 -7.53 3.92 -6.92
N LEU A 217 -7.44 4.79 -7.92
CA LEU A 217 -8.10 6.11 -7.87
C LEU A 217 -8.64 6.39 -9.27
N LEU A 218 -9.89 6.85 -9.35
CA LEU A 218 -10.50 7.10 -10.65
C LEU A 218 -11.57 8.20 -10.64
N THR A 219 -11.46 9.16 -11.54
CA THR A 219 -12.46 10.21 -11.64
C THR A 219 -13.49 9.74 -12.68
N LEU A 220 -14.76 9.72 -12.28
CA LEU A 220 -15.85 9.30 -13.15
C LEU A 220 -16.28 10.47 -14.05
N SER A 221 -16.95 10.16 -15.16
CA SER A 221 -17.40 11.21 -16.09
C SER A 221 -18.40 12.16 -15.44
N THR A 222 -18.98 11.72 -14.33
CA THR A 222 -19.95 12.53 -13.57
C THR A 222 -19.25 13.56 -12.66
N GLY A 223 -17.95 13.42 -12.46
CA GLY A 223 -17.22 14.34 -11.59
C GLY A 223 -16.88 13.72 -10.24
N THR A 224 -17.56 12.64 -9.88
CA THR A 224 -17.31 11.94 -8.63
C THR A 224 -15.95 11.23 -8.75
N VAL A 225 -15.19 11.22 -7.67
CA VAL A 225 -13.90 10.55 -7.66
C VAL A 225 -14.08 9.32 -6.75
N ILE A 226 -13.65 8.16 -7.23
CA ILE A 226 -13.75 6.93 -6.44
C ILE A 226 -12.37 6.34 -6.19
N SER A 227 -12.26 5.53 -5.15
CA SER A 227 -10.99 4.90 -4.80
C SER A 227 -11.24 3.56 -4.13
N ALA A 228 -10.23 2.70 -4.20
CA ALA A 228 -10.27 1.38 -3.59
C ALA A 228 -8.85 1.04 -3.16
N ALA A 229 -8.73 0.05 -2.27
CA ALA A 229 -7.44 -0.39 -1.79
C ALA A 229 -7.64 -1.68 -1.01
N ASP A 230 -6.57 -2.46 -0.88
CA ASP A 230 -6.59 -3.68 -0.09
C ASP A 230 -6.70 -3.21 1.35
N ALA A 231 -7.60 -3.84 2.12
CA ALA A 231 -7.71 -3.56 3.54
C ALA A 231 -7.01 -4.80 4.09
N ARG A 232 -5.72 -4.66 4.39
CA ARG A 232 -4.91 -5.79 4.86
C ARG A 232 -4.96 -5.87 6.39
N TYR A 233 -5.75 -6.82 6.88
CA TYR A 233 -5.93 -6.97 8.32
C TYR A 233 -4.75 -7.56 9.08
N GLY A 234 -4.17 -8.65 8.56
CA GLY A 234 -3.06 -9.29 9.25
C GLY A 234 -1.72 -8.74 8.82
N GLY A 235 -1.49 -7.47 9.13
CA GLY A 235 -0.25 -6.82 8.73
C GLY A 235 -0.33 -6.52 7.25
N THR A 236 0.77 -6.10 6.66
CA THR A 236 0.82 -5.76 5.24
C THR A 236 1.16 -6.93 4.30
N HIS A 237 1.08 -8.16 4.80
CA HIS A 237 1.39 -9.36 4.01
C HIS A 237 0.44 -9.57 2.82
N ASP A 238 0.97 -10.12 1.72
CA ASP A 238 0.15 -10.41 0.53
C ASP A 238 -0.72 -11.61 0.86
N SER A 239 -1.58 -11.99 -0.08
CA SER A 239 -2.47 -13.10 0.11
C SER A 239 -1.88 -14.41 0.60
N LYS A 240 -2.73 -15.00 1.41
CA LYS A 240 -2.60 -16.18 2.24
C LYS A 240 -2.54 -15.24 3.43
N SER A 241 -3.70 -14.65 3.70
CA SER A 241 -3.87 -13.68 4.77
C SER A 241 -5.37 -13.35 4.77
N LYS A 242 -5.75 -12.37 5.57
CA LYS A 242 -7.15 -11.94 5.61
C LYS A 242 -7.12 -10.53 5.02
N ILE A 243 -7.65 -10.41 3.80
CA ILE A 243 -7.69 -9.13 3.10
C ILE A 243 -9.05 -8.95 2.42
N ASN A 244 -9.58 -7.72 2.50
CA ASN A 244 -10.86 -7.35 1.88
C ASN A 244 -10.53 -6.16 0.99
N ILE A 245 -11.44 -5.79 0.09
CA ILE A 245 -11.21 -4.62 -0.75
C ILE A 245 -12.11 -3.49 -0.22
N ALA A 246 -11.49 -2.36 0.11
CA ALA A 246 -12.18 -1.18 0.63
C ALA A 246 -12.49 -0.20 -0.50
N PHE A 247 -13.55 0.58 -0.35
CA PHE A 247 -13.99 1.55 -1.36
C PHE A 247 -14.47 2.84 -0.71
N ALA A 248 -14.24 3.98 -1.36
CA ALA A 248 -14.68 5.29 -0.87
C ALA A 248 -14.84 6.24 -2.04
N LYS A 249 -15.66 7.27 -1.88
CA LYS A 249 -15.87 8.25 -2.94
C LYS A 249 -15.90 9.69 -2.42
N SER A 250 -15.63 10.62 -3.32
CA SER A 250 -15.61 12.03 -3.01
C SER A 250 -16.46 12.75 -4.05
N THR A 251 -17.39 13.57 -3.57
CA THR A 251 -18.27 14.34 -4.45
C THR A 251 -17.90 15.82 -4.46
N ASP A 252 -16.72 16.14 -3.94
CA ASP A 252 -16.25 17.52 -3.90
C ASP A 252 -14.84 17.67 -4.45
N GLY A 253 -14.54 16.95 -5.53
CA GLY A 253 -13.23 17.02 -6.17
C GLY A 253 -12.05 16.45 -5.41
N GLY A 254 -12.31 15.50 -4.52
CA GLY A 254 -11.22 14.89 -3.77
C GLY A 254 -10.86 15.59 -2.49
N ASN A 255 -11.74 16.47 -1.99
CA ASN A 255 -11.48 17.18 -0.74
C ASN A 255 -11.85 16.37 0.50
N THR A 256 -13.02 15.75 0.48
CA THR A 256 -13.46 14.93 1.59
C THR A 256 -13.95 13.61 1.01
N TRP A 257 -13.83 12.54 1.80
CA TRP A 257 -14.21 11.21 1.35
C TRP A 257 -15.26 10.59 2.26
N SER A 258 -16.14 9.80 1.67
CA SER A 258 -17.22 9.13 2.40
C SER A 258 -16.69 8.06 3.32
N GLU A 259 -17.56 7.52 4.17
CA GLU A 259 -17.19 6.41 5.06
C GLU A 259 -16.88 5.27 4.10
N PRO A 260 -15.75 4.57 4.30
CA PRO A 260 -15.43 3.46 3.40
C PRO A 260 -16.36 2.25 3.54
N THR A 261 -16.50 1.51 2.44
CA THR A 261 -17.31 0.30 2.40
C THR A 261 -16.36 -0.86 2.01
N LEU A 262 -16.88 -2.08 2.07
CA LEU A 262 -16.11 -3.30 1.75
C LEU A 262 -16.88 -4.10 0.68
N PRO A 263 -16.86 -3.66 -0.59
CA PRO A 263 -17.56 -4.35 -1.70
C PRO A 263 -17.17 -5.80 -1.95
N LEU A 264 -15.92 -6.14 -1.67
CA LEU A 264 -15.40 -7.50 -1.86
C LEU A 264 -14.82 -7.93 -0.51
N LYS A 265 -15.45 -8.90 0.14
CA LYS A 265 -14.98 -9.35 1.45
C LYS A 265 -15.43 -10.78 1.77
N PHE A 266 -14.73 -11.40 2.71
CA PHE A 266 -15.04 -12.76 3.14
C PHE A 266 -15.23 -12.68 4.64
N ASP A 267 -15.99 -13.62 5.19
CA ASP A 267 -16.26 -13.62 6.63
C ASP A 267 -15.79 -14.84 7.39
N ASP A 268 -15.02 -15.72 6.75
CA ASP A 268 -14.51 -16.91 7.42
C ASP A 268 -13.63 -16.51 8.61
N TYR A 269 -12.94 -15.37 8.47
CA TYR A 269 -12.09 -14.83 9.51
C TYR A 269 -12.60 -13.43 9.82
N ILE A 270 -12.63 -13.09 11.10
CA ILE A 270 -13.12 -11.80 11.56
C ILE A 270 -12.27 -10.61 11.09
N ALA A 271 -12.94 -9.49 10.80
CA ALA A 271 -12.28 -8.26 10.39
C ALA A 271 -12.13 -7.45 11.69
N LYS A 272 -10.88 -7.16 12.06
CA LYS A 272 -10.61 -6.42 13.29
C LYS A 272 -9.29 -5.66 13.22
N ASN A 273 -9.16 -4.63 14.05
CA ASN A 273 -7.94 -3.82 14.12
C ASN A 273 -6.97 -4.54 15.06
N ILE A 274 -5.85 -5.00 14.51
CA ILE A 274 -4.85 -5.70 15.31
C ILE A 274 -3.45 -5.18 14.99
N ASP A 275 -2.65 -4.96 16.02
CA ASP A 275 -1.29 -4.48 15.83
C ASP A 275 -0.38 -5.65 15.54
N TRP A 276 0.06 -5.77 14.29
CA TRP A 276 0.94 -6.87 13.89
C TRP A 276 2.36 -6.63 14.40
N PRO A 277 3.00 -7.67 14.99
CA PRO A 277 4.37 -7.53 15.50
C PRO A 277 5.36 -7.18 14.40
N ARG A 278 6.29 -6.29 14.74
CA ARG A 278 7.29 -5.83 13.81
C ARG A 278 8.69 -6.36 14.17
N ASP A 279 8.77 -7.24 15.15
CA ASP A 279 10.07 -7.82 15.55
C ASP A 279 10.55 -8.77 14.47
N SER A 280 11.84 -9.11 14.50
CA SER A 280 12.46 -10.00 13.52
C SER A 280 11.79 -11.36 13.31
N VAL A 281 11.05 -11.83 14.30
CA VAL A 281 10.37 -13.12 14.16
C VAL A 281 8.91 -12.96 13.76
N GLY A 282 8.13 -12.30 14.61
CA GLY A 282 6.71 -12.10 14.34
C GLY A 282 6.32 -11.38 13.05
N LYS A 283 7.19 -10.49 12.56
CA LYS A 283 6.89 -9.75 11.34
C LYS A 283 6.65 -10.65 10.13
N ASN A 284 7.31 -11.82 10.10
CA ASN A 284 7.20 -12.77 9.00
C ASN A 284 5.97 -13.67 9.06
N VAL A 285 5.31 -13.72 10.22
CA VAL A 285 4.14 -14.59 10.38
C VAL A 285 2.89 -14.01 9.70
N GLN A 286 2.13 -14.87 9.04
CA GLN A 286 0.90 -14.42 8.37
C GLN A 286 -0.25 -15.41 8.58
N ILE A 287 -1.47 -14.92 8.45
CA ILE A 287 -2.68 -15.75 8.60
C ILE A 287 -2.61 -16.90 7.58
N GLN A 288 -2.77 -18.11 8.08
CA GLN A 288 -2.69 -19.33 7.27
C GLN A 288 -3.94 -19.89 6.62
N GLY A 289 -5.10 -19.76 7.26
CA GLY A 289 -6.30 -20.36 6.68
C GLY A 289 -7.47 -19.51 6.27
N SER A 290 -7.22 -18.25 5.90
CA SER A 290 -8.29 -17.34 5.51
C SER A 290 -8.37 -17.11 3.99
N ALA A 291 -9.59 -16.92 3.50
CA ALA A 291 -9.81 -16.63 2.09
C ALA A 291 -9.62 -15.11 2.02
N SER A 292 -9.32 -14.58 0.84
CA SER A 292 -9.11 -13.15 0.71
C SER A 292 -9.28 -12.63 -0.70
N TYR A 293 -9.29 -11.31 -0.81
CA TYR A 293 -9.36 -10.61 -2.09
C TYR A 293 -8.09 -9.78 -2.07
N ILE A 294 -7.52 -9.53 -3.24
CA ILE A 294 -6.28 -8.78 -3.31
C ILE A 294 -6.09 -8.15 -4.68
N ASP A 295 -5.50 -6.95 -4.68
CA ASP A 295 -5.20 -6.16 -5.88
C ASP A 295 -6.41 -5.67 -6.66
N PRO A 296 -6.90 -4.46 -6.33
CA PRO A 296 -8.07 -3.91 -7.03
C PRO A 296 -7.81 -3.15 -8.32
N VAL A 297 -8.81 -3.18 -9.19
CA VAL A 297 -8.81 -2.46 -10.46
C VAL A 297 -10.19 -1.81 -10.55
N LEU A 298 -10.24 -0.52 -10.84
CA LEU A 298 -11.48 0.22 -11.01
C LEU A 298 -11.62 0.60 -12.49
N LEU A 299 -12.84 0.58 -13.00
CA LEU A 299 -13.08 0.92 -14.39
C LEU A 299 -14.48 1.51 -14.60
N GLU A 300 -14.59 2.48 -15.51
CA GLU A 300 -15.88 3.08 -15.83
C GLU A 300 -16.23 2.89 -17.31
N ASP A 301 -17.47 2.52 -17.58
CA ASP A 301 -17.94 2.41 -18.95
C ASP A 301 -18.64 3.74 -19.15
N LYS A 302 -17.98 4.68 -19.80
CA LYS A 302 -18.56 6.01 -20.02
C LYS A 302 -19.85 6.04 -20.81
N LEU A 303 -20.10 4.99 -21.60
CA LEU A 303 -21.31 4.91 -22.39
C LEU A 303 -22.54 4.60 -21.50
N THR A 304 -22.37 3.73 -20.52
CA THR A 304 -23.47 3.36 -19.63
C THR A 304 -23.36 3.96 -18.22
N LYS A 305 -22.21 4.58 -17.94
CA LYS A 305 -21.90 5.20 -16.66
C LYS A 305 -21.71 4.18 -15.54
N ARG A 306 -21.75 2.90 -15.91
CA ARG A 306 -21.56 1.79 -14.98
C ARG A 306 -20.10 1.70 -14.54
N ILE A 307 -19.87 1.33 -13.28
CA ILE A 307 -18.49 1.19 -12.78
C ILE A 307 -18.27 -0.26 -12.39
N PHE A 308 -17.03 -0.73 -12.50
CA PHE A 308 -16.68 -2.10 -12.18
C PHE A 308 -15.50 -2.13 -11.22
N LEU A 309 -15.52 -3.10 -10.32
CA LEU A 309 -14.43 -3.31 -9.39
C LEU A 309 -13.98 -4.76 -9.59
N PHE A 310 -12.71 -4.94 -9.93
CA PHE A 310 -12.13 -6.28 -10.12
C PHE A 310 -11.06 -6.47 -9.03
N ALA A 311 -10.80 -7.73 -8.68
CA ALA A 311 -9.76 -8.08 -7.71
C ALA A 311 -9.55 -9.59 -7.82
N ASP A 312 -8.40 -10.06 -7.34
CA ASP A 312 -8.10 -11.48 -7.35
C ASP A 312 -8.85 -12.10 -6.17
N LEU A 313 -9.46 -13.26 -6.40
CA LEU A 313 -10.16 -13.97 -5.35
C LEU A 313 -9.29 -15.18 -4.98
N MET A 314 -8.79 -15.17 -3.74
CA MET A 314 -7.93 -16.21 -3.21
C MET A 314 -8.67 -17.13 -2.24
N PRO A 315 -8.78 -18.42 -2.55
CA PRO A 315 -9.45 -19.37 -1.66
C PRO A 315 -8.70 -19.42 -0.32
N ALA A 316 -9.29 -20.07 0.67
CA ALA A 316 -8.65 -20.17 1.98
C ALA A 316 -7.21 -20.69 1.93
N GLY A 317 -6.31 -19.94 2.56
CA GLY A 317 -4.90 -20.30 2.62
C GLY A 317 -4.13 -20.19 1.31
N ILE A 318 -4.72 -19.54 0.32
CA ILE A 318 -4.07 -19.43 -0.97
C ILE A 318 -3.61 -18.02 -1.28
N GLY A 319 -2.49 -17.94 -2.00
CA GLY A 319 -1.92 -16.68 -2.44
C GLY A 319 -1.33 -17.00 -3.81
N SER A 320 -0.83 -15.98 -4.48
CA SER A 320 -0.23 -16.15 -5.80
C SER A 320 0.92 -17.18 -5.80
N SER A 321 1.73 -17.16 -4.76
CA SER A 321 2.89 -18.06 -4.65
C SER A 321 2.58 -19.55 -4.44
N ASN A 322 1.42 -19.87 -3.86
CA ASN A 322 1.10 -21.27 -3.62
C ASN A 322 -0.16 -21.74 -4.31
N ALA A 323 -0.59 -21.01 -5.33
CA ALA A 323 -1.79 -21.38 -6.08
C ALA A 323 -1.51 -22.66 -6.91
N SER A 324 -2.49 -23.56 -6.98
CA SER A 324 -2.35 -24.79 -7.76
C SER A 324 -2.52 -24.50 -9.25
N VAL A 325 -1.83 -25.27 -10.07
CA VAL A 325 -1.90 -25.12 -11.53
C VAL A 325 -3.24 -25.70 -12.01
N GLY A 326 -3.98 -24.91 -12.78
CA GLY A 326 -5.26 -25.35 -13.28
C GLY A 326 -6.19 -24.15 -13.38
N SER A 327 -7.30 -24.32 -14.09
CA SER A 327 -8.25 -23.23 -14.27
C SER A 327 -9.22 -23.11 -13.11
N GLY A 328 -9.49 -24.23 -12.45
CA GLY A 328 -10.44 -24.25 -11.35
C GLY A 328 -11.82 -24.59 -11.92
N PHE A 329 -11.88 -24.76 -13.23
CA PHE A 329 -13.12 -25.08 -13.94
C PHE A 329 -13.02 -26.45 -14.61
N LYS A 330 -14.17 -27.00 -14.93
CA LYS A 330 -14.30 -28.30 -15.58
C LYS A 330 -15.30 -28.14 -16.72
N GLU A 331 -14.98 -28.68 -17.88
CA GLU A 331 -15.89 -28.57 -19.01
C GLU A 331 -16.82 -29.77 -19.08
N VAL A 332 -18.12 -29.50 -19.02
CA VAL A 332 -19.14 -30.52 -19.10
C VAL A 332 -20.17 -30.00 -20.09
N ASN A 333 -20.48 -30.81 -21.10
CA ASN A 333 -21.45 -30.45 -22.13
C ASN A 333 -21.02 -29.18 -22.88
N GLY A 334 -19.70 -29.06 -23.08
CA GLY A 334 -19.15 -27.91 -23.78
C GLY A 334 -19.08 -26.61 -23.00
N LYS A 335 -19.69 -26.56 -21.83
CA LYS A 335 -19.69 -25.36 -21.00
C LYS A 335 -18.81 -25.54 -19.77
N LYS A 336 -18.02 -24.51 -19.46
CA LYS A 336 -17.13 -24.53 -18.29
C LYS A 336 -17.89 -24.18 -17.01
N TYR A 337 -17.72 -25.00 -15.97
CA TYR A 337 -18.36 -24.77 -14.68
C TYR A 337 -17.32 -24.87 -13.56
N LEU A 338 -17.52 -24.11 -12.48
CA LEU A 338 -16.61 -24.13 -11.33
C LEU A 338 -16.70 -25.52 -10.72
N LYS A 339 -15.56 -26.14 -10.45
CA LYS A 339 -15.58 -27.48 -9.88
C LYS A 339 -15.43 -27.47 -8.36
N LEU A 340 -15.99 -28.48 -7.72
CA LEU A 340 -15.94 -28.59 -6.27
C LEU A 340 -15.58 -29.99 -5.82
N ARG A 341 -14.99 -30.05 -4.63
CA ARG A 341 -14.57 -31.30 -4.02
C ARG A 341 -15.37 -31.52 -2.74
N TRP A 342 -16.05 -32.66 -2.63
CA TRP A 342 -16.81 -32.98 -1.43
C TRP A 342 -15.75 -33.23 -0.36
N HIS A 343 -15.90 -32.59 0.80
CA HIS A 343 -14.91 -32.71 1.87
C HIS A 343 -14.52 -34.12 2.33
N LYS A 344 -15.34 -35.12 2.02
CA LYS A 344 -15.04 -36.50 2.41
C LYS A 344 -14.44 -37.35 1.29
N ASP A 345 -14.19 -36.74 0.14
CA ASP A 345 -13.59 -37.44 -0.99
C ASP A 345 -12.07 -37.39 -0.89
N ALA A 346 -11.38 -37.97 -1.87
CA ALA A 346 -9.92 -37.97 -1.89
C ALA A 346 -9.44 -36.53 -2.03
N GLY A 347 -8.25 -36.25 -1.50
CA GLY A 347 -7.68 -34.92 -1.55
C GLY A 347 -7.75 -34.13 -2.84
N ARG A 348 -7.78 -34.81 -3.98
CA ARG A 348 -7.84 -34.14 -5.27
C ARG A 348 -9.01 -34.62 -6.13
N ALA A 349 -10.11 -34.99 -5.48
CA ALA A 349 -11.29 -35.47 -6.19
C ALA A 349 -12.36 -34.40 -6.37
N TYR A 350 -12.24 -33.62 -7.45
CA TYR A 350 -13.20 -32.57 -7.75
C TYR A 350 -14.22 -33.15 -8.72
N ASP A 351 -15.15 -33.93 -8.16
CA ASP A 351 -16.18 -34.62 -8.94
C ASP A 351 -17.53 -33.91 -9.03
N TYR A 352 -17.60 -32.65 -8.64
CA TYR A 352 -18.84 -31.89 -8.70
C TYR A 352 -18.62 -30.56 -9.40
N THR A 353 -19.71 -29.94 -9.85
CA THR A 353 -19.65 -28.65 -10.53
C THR A 353 -20.84 -27.78 -10.14
N ILE A 354 -20.67 -26.47 -10.24
CA ILE A 354 -21.75 -25.53 -9.96
C ILE A 354 -22.31 -25.16 -11.32
N ARG A 355 -23.55 -25.56 -11.59
CA ARG A 355 -24.15 -25.27 -12.88
C ARG A 355 -25.19 -24.16 -12.81
N GLU A 356 -26.10 -24.12 -13.80
CA GLU A 356 -27.14 -23.10 -13.86
C GLU A 356 -27.95 -23.01 -12.57
N LYS A 357 -28.27 -21.78 -12.18
CA LYS A 357 -29.03 -21.50 -10.96
C LYS A 357 -28.30 -21.91 -9.68
N GLY A 358 -26.97 -21.94 -9.75
CA GLY A 358 -26.17 -22.30 -8.59
C GLY A 358 -26.32 -23.73 -8.11
N VAL A 359 -27.04 -24.56 -8.86
CA VAL A 359 -27.24 -25.95 -8.47
C VAL A 359 -25.95 -26.74 -8.59
N ILE A 360 -25.62 -27.53 -7.57
CA ILE A 360 -24.39 -28.32 -7.58
C ILE A 360 -24.69 -29.73 -8.12
N TYR A 361 -23.98 -30.12 -9.18
CA TYR A 361 -24.17 -31.42 -9.80
C TYR A 361 -23.09 -32.43 -9.47
N ASN A 362 -23.47 -33.70 -9.50
CA ASN A 362 -22.55 -34.80 -9.29
C ASN A 362 -22.18 -35.11 -10.74
N ASP A 363 -20.92 -34.90 -11.09
CA ASP A 363 -20.48 -35.11 -12.46
C ASP A 363 -20.47 -36.56 -12.90
N ALA A 364 -20.15 -37.47 -11.98
CA ALA A 364 -20.11 -38.90 -12.29
C ALA A 364 -21.49 -39.41 -12.70
N THR A 365 -22.53 -39.00 -11.97
CA THR A 365 -23.89 -39.43 -12.28
C THR A 365 -24.62 -38.40 -13.14
N ASN A 366 -24.02 -37.22 -13.27
CA ASN A 366 -24.60 -36.12 -14.05
C ASN A 366 -25.97 -35.75 -13.50
N GLN A 367 -26.16 -36.01 -12.20
CA GLN A 367 -27.43 -35.73 -11.51
C GLN A 367 -27.25 -34.62 -10.48
N PRO A 368 -28.24 -33.71 -10.38
CA PRO A 368 -28.18 -32.60 -9.43
C PRO A 368 -28.16 -33.11 -7.99
N THR A 369 -27.53 -32.34 -7.12
CA THR A 369 -27.43 -32.72 -5.72
C THR A 369 -28.44 -31.89 -4.92
N GLU A 370 -28.49 -32.11 -3.61
CA GLU A 370 -29.40 -31.38 -2.74
C GLU A 370 -28.83 -30.01 -2.34
N PHE A 371 -27.62 -29.73 -2.82
CA PHE A 371 -26.93 -28.47 -2.52
C PHE A 371 -26.95 -27.48 -3.67
N ARG A 372 -26.74 -26.22 -3.33
CA ARG A 372 -26.71 -25.13 -4.29
C ARG A 372 -26.03 -23.92 -3.64
N VAL A 373 -25.71 -22.90 -4.45
CA VAL A 373 -25.08 -21.69 -3.95
C VAL A 373 -25.86 -20.48 -4.45
N ASP A 374 -25.80 -19.38 -3.70
CA ASP A 374 -26.47 -18.14 -4.10
C ASP A 374 -25.49 -17.28 -4.90
N GLY A 375 -25.88 -16.05 -5.19
CA GLY A 375 -25.03 -15.14 -5.95
C GLY A 375 -23.78 -14.69 -5.21
N GLU A 376 -23.62 -15.17 -3.97
CA GLU A 376 -22.47 -14.85 -3.13
C GLU A 376 -21.60 -16.09 -2.88
N TYR A 377 -22.00 -17.22 -3.47
CA TYR A 377 -21.30 -18.50 -3.33
C TYR A 377 -21.33 -19.17 -1.95
N ASN A 378 -22.40 -18.86 -1.20
CA ASN A 378 -22.62 -19.46 0.12
C ASN A 378 -23.47 -20.70 -0.14
N LEU A 379 -23.19 -21.79 0.59
CA LEU A 379 -23.88 -23.07 0.45
C LEU A 379 -25.24 -23.18 1.12
N TYR A 380 -26.09 -23.99 0.52
CA TYR A 380 -27.44 -24.29 1.01
C TYR A 380 -27.65 -25.78 0.81
N GLN A 381 -28.35 -26.40 1.76
CA GLN A 381 -28.68 -27.81 1.67
C GLN A 381 -30.20 -27.81 1.76
N HIS A 382 -30.85 -28.00 0.62
CA HIS A 382 -32.31 -28.01 0.55
C HIS A 382 -32.89 -26.69 1.08
N ASP A 383 -32.50 -25.59 0.44
CA ASP A 383 -32.95 -24.25 0.79
C ASP A 383 -32.55 -23.72 2.17
N THR A 384 -31.92 -24.57 2.97
CA THR A 384 -31.46 -24.16 4.29
C THR A 384 -30.00 -23.70 4.18
N ASN A 385 -29.74 -22.46 4.57
CA ASN A 385 -28.39 -21.90 4.50
C ASN A 385 -27.43 -22.63 5.45
N LEU A 386 -26.28 -23.05 4.93
CA LEU A 386 -25.28 -23.74 5.73
C LEU A 386 -24.38 -22.71 6.42
N THR A 387 -23.89 -23.05 7.61
CA THR A 387 -23.04 -22.15 8.36
C THR A 387 -21.84 -22.89 8.95
N CYS A 388 -20.88 -22.11 9.41
CA CYS A 388 -19.69 -22.62 10.07
C CYS A 388 -19.21 -21.51 10.98
N LYS A 389 -18.36 -21.86 11.94
CA LYS A 389 -17.84 -20.89 12.89
C LYS A 389 -16.76 -19.99 12.29
N GLN A 390 -16.83 -18.71 12.64
CA GLN A 390 -15.86 -17.73 12.17
C GLN A 390 -14.60 -17.86 13.03
N TYR A 391 -13.45 -17.67 12.41
CA TYR A 391 -12.17 -17.75 13.11
C TYR A 391 -11.69 -16.40 13.60
N ASP A 392 -10.87 -16.45 14.65
CA ASP A 392 -10.26 -15.27 15.23
C ASP A 392 -8.76 -15.58 15.18
N TYR A 393 -7.93 -14.55 15.26
CA TYR A 393 -6.49 -14.73 15.20
C TYR A 393 -5.81 -13.84 16.21
N ASN A 394 -4.93 -14.40 17.01
CA ASN A 394 -4.21 -13.66 18.06
C ASN A 394 -2.83 -14.24 18.27
N PHE A 395 -1.87 -13.39 18.61
CA PHE A 395 -0.51 -13.85 18.87
C PHE A 395 -0.30 -14.29 20.30
N SER A 396 0.34 -15.46 20.45
CA SER A 396 0.70 -16.01 21.74
C SER A 396 2.21 -16.12 21.57
N GLY A 397 2.92 -15.09 22.04
CA GLY A 397 4.36 -15.06 21.86
C GLY A 397 4.55 -14.78 20.38
N ASN A 398 5.46 -15.50 19.74
CA ASN A 398 5.72 -15.33 18.31
C ASN A 398 4.78 -16.21 17.48
N ASN A 399 3.88 -16.92 18.14
CA ASN A 399 2.95 -17.83 17.46
C ASN A 399 1.59 -17.21 17.18
N LEU A 400 1.08 -17.38 15.96
CA LEU A 400 -0.22 -16.87 15.57
C LEU A 400 -1.25 -17.98 15.77
N ILE A 401 -2.16 -17.79 16.72
CA ILE A 401 -3.18 -18.78 16.99
C ILE A 401 -4.47 -18.41 16.27
N GLU A 402 -4.90 -19.28 15.36
CA GLU A 402 -6.12 -19.09 14.58
C GLU A 402 -7.15 -20.06 15.17
N SER A 403 -8.15 -19.52 15.86
CA SER A 403 -9.14 -20.37 16.50
C SER A 403 -10.59 -20.03 16.19
N LYS A 404 -11.46 -21.04 16.27
CA LYS A 404 -12.88 -20.84 16.01
C LYS A 404 -13.48 -20.08 17.18
N THR A 405 -14.49 -19.26 16.88
CA THR A 405 -15.19 -18.50 17.90
C THR A 405 -16.60 -19.11 17.89
N ASP A 406 -17.57 -18.49 18.54
CA ASP A 406 -18.92 -19.03 18.50
C ASP A 406 -19.82 -18.29 17.52
N VAL A 407 -19.22 -17.39 16.74
CA VAL A 407 -19.96 -16.62 15.75
C VAL A 407 -20.19 -17.45 14.48
N ASP A 408 -21.43 -17.55 14.04
CA ASP A 408 -21.78 -18.31 12.85
C ASP A 408 -21.80 -17.42 11.61
N VAL A 409 -21.16 -17.89 10.55
CA VAL A 409 -21.13 -17.17 9.28
C VAL A 409 -21.56 -18.17 8.21
N ASN A 410 -22.12 -17.65 7.12
CA ASN A 410 -22.55 -18.53 6.04
C ASN A 410 -21.37 -19.27 5.44
N MET A 411 -21.55 -20.57 5.25
CA MET A 411 -20.52 -21.44 4.68
C MET A 411 -20.36 -21.09 3.20
N ASN A 412 -19.16 -20.68 2.81
CA ASN A 412 -18.87 -20.30 1.43
C ASN A 412 -17.90 -21.31 0.82
N ILE A 413 -18.02 -21.55 -0.49
CA ILE A 413 -17.15 -22.52 -1.19
C ILE A 413 -15.64 -22.24 -1.13
N PHE A 414 -15.27 -21.02 -0.76
CA PHE A 414 -13.84 -20.66 -0.67
C PHE A 414 -13.30 -20.74 0.75
N TYR A 415 -14.12 -21.20 1.70
CA TYR A 415 -13.72 -21.32 3.10
C TYR A 415 -13.10 -22.69 3.40
N LYS A 416 -12.12 -22.71 4.29
CA LYS A 416 -11.44 -23.97 4.61
C LYS A 416 -12.31 -25.05 5.25
N ASN A 417 -13.34 -24.66 5.98
CA ASN A 417 -14.20 -25.65 6.63
C ASN A 417 -15.50 -25.92 5.89
N SER A 418 -15.56 -25.52 4.63
CA SER A 418 -16.76 -25.73 3.85
C SER A 418 -16.88 -27.21 3.49
N VAL A 419 -18.11 -27.69 3.32
CA VAL A 419 -18.35 -29.08 2.96
C VAL A 419 -18.03 -29.32 1.48
N PHE A 420 -18.08 -28.26 0.68
CA PHE A 420 -17.78 -28.29 -0.75
C PHE A 420 -16.71 -27.22 -0.96
N LYS A 421 -15.50 -27.66 -1.32
CA LYS A 421 -14.38 -26.74 -1.51
C LYS A 421 -13.94 -26.50 -2.95
N ALA A 422 -13.72 -25.23 -3.28
CA ALA A 422 -13.29 -24.84 -4.62
C ALA A 422 -11.84 -25.24 -4.85
N PHE A 423 -11.46 -25.34 -6.11
CA PHE A 423 -10.09 -25.72 -6.48
C PHE A 423 -9.17 -24.61 -5.98
N PRO A 424 -8.07 -24.97 -5.30
CA PRO A 424 -7.09 -24.04 -4.74
C PRO A 424 -6.18 -23.23 -5.68
N THR A 425 -6.75 -22.61 -6.70
CA THR A 425 -5.98 -21.75 -7.60
C THR A 425 -6.59 -20.36 -7.38
N ASN A 426 -6.13 -19.33 -8.08
CA ASN A 426 -6.71 -18.00 -7.91
C ASN A 426 -7.80 -17.77 -8.94
N TYR A 427 -8.74 -16.88 -8.62
CA TYR A 427 -9.83 -16.55 -9.53
C TYR A 427 -9.86 -15.04 -9.76
N LEU A 428 -10.59 -14.62 -10.77
CA LEU A 428 -10.76 -13.19 -11.07
C LEU A 428 -12.23 -12.88 -10.75
N ALA A 429 -12.45 -11.94 -9.83
CA ALA A 429 -13.81 -11.58 -9.43
C ALA A 429 -14.15 -10.13 -9.74
N MET A 430 -15.44 -9.86 -9.90
CA MET A 430 -15.88 -8.51 -10.17
C MET A 430 -17.34 -8.29 -9.80
N ARG A 431 -17.67 -7.03 -9.56
CA ARG A 431 -19.02 -6.58 -9.25
C ARG A 431 -19.15 -5.27 -10.00
N TYR A 432 -20.37 -4.89 -10.34
CA TYR A 432 -20.59 -3.62 -11.00
C TYR A 432 -21.56 -2.81 -10.16
N SER A 433 -21.58 -1.51 -10.43
CA SER A 433 -22.45 -0.59 -9.71
C SER A 433 -22.90 0.52 -10.65
N ASP A 434 -24.19 0.82 -10.59
CA ASP A 434 -24.79 1.87 -11.41
C ASP A 434 -25.15 3.10 -10.56
N ASP A 435 -24.87 3.03 -9.26
CA ASP A 435 -25.16 4.16 -8.37
C ASP A 435 -23.93 4.62 -7.57
N GLU A 436 -22.76 4.54 -8.21
CA GLU A 436 -21.49 4.95 -7.61
C GLU A 436 -21.15 4.36 -6.24
N GLY A 437 -21.40 3.06 -6.09
CA GLY A 437 -21.07 2.40 -4.85
C GLY A 437 -22.16 2.28 -3.80
N ALA A 438 -23.34 2.83 -4.06
CA ALA A 438 -24.45 2.72 -3.09
C ALA A 438 -24.86 1.25 -2.99
N SER A 439 -24.76 0.52 -4.10
CA SER A 439 -25.09 -0.91 -4.14
C SER A 439 -24.24 -1.56 -5.24
N TRP A 440 -23.92 -2.84 -5.06
CA TRP A 440 -23.13 -3.59 -6.04
C TRP A 440 -23.86 -4.88 -6.45
N SER A 441 -23.61 -5.32 -7.68
CA SER A 441 -24.20 -6.55 -8.22
C SER A 441 -23.64 -7.80 -7.56
N ASP A 442 -24.19 -8.95 -7.94
CA ASP A 442 -23.77 -10.25 -7.42
C ASP A 442 -22.33 -10.53 -7.84
N LEU A 443 -21.66 -11.40 -7.10
CA LEU A 443 -20.26 -11.77 -7.37
C LEU A 443 -20.15 -12.48 -8.74
N ASP A 444 -19.35 -11.93 -9.63
CA ASP A 444 -19.17 -12.51 -10.96
C ASP A 444 -17.74 -13.00 -11.09
N ILE A 445 -17.55 -14.31 -11.14
CA ILE A 445 -16.21 -14.89 -11.29
C ILE A 445 -15.99 -15.04 -12.80
N VAL A 446 -15.20 -14.12 -13.37
CA VAL A 446 -14.95 -14.09 -14.82
C VAL A 446 -13.78 -14.92 -15.36
N SER A 447 -13.07 -15.61 -14.49
CA SER A 447 -11.90 -16.38 -14.91
C SER A 447 -12.09 -17.78 -15.49
N SER A 448 -13.23 -18.04 -16.14
CA SER A 448 -13.44 -19.37 -16.74
C SER A 448 -12.41 -19.64 -17.85
N PHE A 449 -11.81 -18.58 -18.36
CA PHE A 449 -10.80 -18.67 -19.42
C PHE A 449 -9.38 -18.94 -18.90
N LYS A 450 -9.19 -19.02 -17.59
CA LYS A 450 -7.88 -19.24 -17.01
C LYS A 450 -7.24 -20.50 -17.62
N PRO A 451 -6.08 -20.34 -18.31
CA PRO A 451 -5.42 -21.49 -18.92
C PRO A 451 -5.20 -22.62 -17.93
N GLU A 452 -5.59 -23.82 -18.33
CA GLU A 452 -5.45 -25.00 -17.49
C GLU A 452 -3.99 -25.31 -17.12
N VAL A 453 -3.07 -24.73 -17.88
CA VAL A 453 -1.62 -24.90 -17.64
C VAL A 453 -1.04 -23.76 -16.78
N SER A 454 -1.88 -22.80 -16.38
CA SER A 454 -1.40 -21.67 -15.58
C SER A 454 -1.44 -21.90 -14.07
N LYS A 455 -0.45 -21.35 -13.39
CA LYS A 455 -0.39 -21.44 -11.94
C LYS A 455 -1.36 -20.35 -11.41
N PHE A 456 -1.22 -19.14 -11.94
CA PHE A 456 -2.06 -18.03 -11.54
C PHE A 456 -2.25 -17.07 -12.72
N LEU A 457 -3.38 -16.39 -12.74
CA LEU A 457 -3.70 -15.40 -13.77
C LEU A 457 -4.37 -14.32 -12.91
N VAL A 458 -3.64 -13.22 -12.69
CA VAL A 458 -4.10 -12.15 -11.83
C VAL A 458 -4.13 -10.78 -12.50
N VAL A 459 -4.74 -9.79 -11.84
CA VAL A 459 -4.85 -8.45 -12.43
C VAL A 459 -3.64 -7.56 -12.19
N GLY A 460 -3.49 -6.55 -13.05
CA GLY A 460 -2.45 -5.55 -12.88
C GLY A 460 -3.24 -4.46 -12.16
N PRO A 461 -3.03 -4.29 -10.83
CA PRO A 461 -3.75 -3.27 -10.04
C PRO A 461 -3.68 -1.82 -10.48
N GLY A 462 -4.77 -1.11 -10.25
CA GLY A 462 -4.87 0.30 -10.62
C GLY A 462 -6.23 0.50 -11.28
N ILE A 463 -6.21 0.89 -12.55
CA ILE A 463 -7.44 1.12 -13.30
C ILE A 463 -7.40 0.40 -14.64
N GLY A 464 -8.58 0.21 -15.22
CA GLY A 464 -8.71 -0.42 -16.53
C GLY A 464 -8.80 0.69 -17.57
N LYS A 465 -9.15 0.33 -18.80
CA LYS A 465 -9.25 1.33 -19.86
C LYS A 465 -10.36 1.04 -20.88
N GLN A 466 -11.06 2.08 -21.31
CA GLN A 466 -12.10 1.94 -22.34
C GLN A 466 -11.63 2.73 -23.55
N ILE A 467 -11.59 2.09 -24.71
CA ILE A 467 -11.16 2.74 -25.96
C ILE A 467 -12.21 3.78 -26.33
N SER A 468 -11.77 5.01 -26.55
CA SER A 468 -12.71 6.08 -26.88
C SER A 468 -12.91 6.33 -28.37
N THR A 469 -11.94 5.92 -29.19
CA THR A 469 -12.05 6.16 -30.62
C THR A 469 -11.55 5.01 -31.50
N GLY A 470 -11.96 5.03 -32.77
CA GLY A 470 -11.57 3.99 -33.70
C GLY A 470 -12.55 2.85 -33.82
N GLU A 471 -12.17 1.84 -34.60
CA GLU A 471 -12.99 0.65 -34.84
C GLU A 471 -13.46 -0.05 -33.56
N ASN A 472 -12.61 -0.05 -32.54
CA ASN A 472 -12.95 -0.73 -31.28
C ASN A 472 -13.44 0.20 -30.16
N ALA A 473 -13.93 1.38 -30.53
CA ALA A 473 -14.42 2.32 -29.53
C ALA A 473 -15.49 1.66 -28.67
N GLY A 474 -15.34 1.79 -27.35
CA GLY A 474 -16.30 1.20 -26.43
C GLY A 474 -15.83 -0.06 -25.74
N ARG A 475 -14.77 -0.67 -26.27
CA ARG A 475 -14.21 -1.89 -25.71
C ARG A 475 -13.60 -1.60 -24.34
N LEU A 476 -13.86 -2.49 -23.37
CA LEU A 476 -13.34 -2.39 -22.01
C LEU A 476 -12.13 -3.33 -21.90
N LEU A 477 -11.05 -2.87 -21.28
CA LEU A 477 -9.86 -3.69 -21.11
C LEU A 477 -9.29 -3.62 -19.70
N VAL A 478 -8.87 -4.77 -19.20
CA VAL A 478 -8.26 -4.89 -17.88
C VAL A 478 -6.95 -5.66 -18.03
N PRO A 479 -5.83 -5.07 -17.57
CA PRO A 479 -4.52 -5.73 -17.67
C PRO A 479 -4.40 -6.90 -16.70
N LEU A 480 -3.70 -7.95 -17.15
CA LEU A 480 -3.50 -9.18 -16.40
C LEU A 480 -2.05 -9.67 -16.53
N TYR A 481 -1.65 -10.61 -15.68
CA TYR A 481 -0.33 -11.21 -15.78
C TYR A 481 -0.42 -12.61 -15.19
N SER A 482 0.49 -13.49 -15.62
CA SER A 482 0.44 -14.86 -15.17
C SER A 482 1.73 -15.65 -15.31
N LYS A 483 1.68 -16.82 -14.69
CA LYS A 483 2.74 -17.81 -14.77
C LYS A 483 2.07 -18.91 -15.61
N SER A 484 2.32 -18.89 -16.91
CA SER A 484 1.78 -19.89 -17.84
C SER A 484 2.42 -19.74 -19.21
N SER A 485 1.66 -19.88 -20.30
CA SER A 485 2.18 -19.75 -21.66
C SER A 485 2.59 -18.31 -21.96
N ALA A 486 1.98 -17.39 -21.22
CA ALA A 486 2.24 -15.98 -21.38
C ALA A 486 2.38 -15.37 -20.00
N GLU A 487 3.02 -14.20 -19.97
CA GLU A 487 3.24 -13.45 -18.74
C GLU A 487 2.22 -12.30 -18.77
N LEU A 488 2.43 -11.31 -19.65
CA LEU A 488 1.48 -10.21 -19.78
C LEU A 488 0.24 -10.73 -20.54
N GLY A 489 -0.93 -10.29 -20.13
CA GLY A 489 -2.17 -10.69 -20.78
C GLY A 489 -3.21 -9.61 -20.55
N PHE A 490 -4.39 -9.77 -21.15
CA PHE A 490 -5.47 -8.81 -21.00
C PHE A 490 -6.81 -9.54 -21.13
N MET A 491 -7.86 -8.93 -20.61
CA MET A 491 -9.20 -9.47 -20.78
C MET A 491 -9.98 -8.24 -21.27
N TYR A 492 -10.77 -8.43 -22.32
CA TYR A 492 -11.55 -7.33 -22.87
C TYR A 492 -13.00 -7.71 -23.09
N SER A 493 -13.85 -6.69 -23.14
CA SER A 493 -15.28 -6.90 -23.34
C SER A 493 -15.83 -5.93 -24.36
N ASP A 494 -16.60 -6.46 -25.29
CA ASP A 494 -17.23 -5.64 -26.33
C ASP A 494 -18.73 -5.46 -26.06
N ASP A 495 -19.22 -6.05 -24.98
CA ASP A 495 -20.62 -5.93 -24.61
C ASP A 495 -20.82 -5.31 -23.24
N HIS A 496 -20.06 -4.26 -22.97
CA HIS A 496 -20.14 -3.50 -21.72
C HIS A 496 -20.00 -4.29 -20.42
N GLY A 497 -19.09 -5.25 -20.42
CA GLY A 497 -18.85 -6.01 -19.21
C GLY A 497 -19.62 -7.31 -19.00
N ASP A 498 -20.54 -7.62 -19.90
CA ASP A 498 -21.30 -8.85 -19.75
C ASP A 498 -20.45 -10.09 -20.02
N ASN A 499 -19.52 -10.00 -20.97
CA ASN A 499 -18.65 -11.12 -21.31
C ASN A 499 -17.21 -10.67 -21.56
N TRP A 500 -16.26 -11.50 -21.16
CA TRP A 500 -14.85 -11.18 -21.28
C TRP A 500 -14.08 -12.21 -22.11
N THR A 501 -13.08 -11.73 -22.83
CA THR A 501 -12.22 -12.56 -23.67
C THR A 501 -10.78 -12.34 -23.22
N TYR A 502 -10.06 -13.44 -23.01
CA TYR A 502 -8.68 -13.39 -22.57
C TYR A 502 -7.70 -13.33 -23.75
N VAL A 503 -6.63 -12.53 -23.60
CA VAL A 503 -5.61 -12.37 -24.63
C VAL A 503 -4.20 -12.55 -24.05
N GLU A 504 -3.37 -13.37 -24.70
CA GLU A 504 -1.99 -13.58 -24.28
C GLU A 504 -1.18 -12.55 -25.07
N ALA A 505 -0.42 -11.71 -24.37
CA ALA A 505 0.36 -10.68 -25.05
C ALA A 505 1.79 -11.06 -25.38
N ASP A 506 2.25 -12.21 -24.91
CA ASP A 506 3.59 -12.68 -25.18
C ASP A 506 3.66 -14.20 -24.98
N ASN A 507 4.85 -14.77 -25.10
CA ASN A 507 5.03 -16.19 -24.91
C ASN A 507 6.03 -16.50 -23.80
N LEU A 508 6.16 -15.55 -22.86
CA LEU A 508 7.07 -15.71 -21.73
C LEU A 508 6.44 -16.61 -20.67
N THR A 509 7.20 -17.61 -20.23
CA THR A 509 6.72 -18.58 -19.26
C THR A 509 7.32 -18.43 -17.87
N GLY A 510 8.06 -17.35 -17.63
CA GLY A 510 8.70 -17.13 -16.34
C GLY A 510 7.81 -16.70 -15.19
N GLY A 511 6.62 -16.20 -15.48
CA GLY A 511 5.71 -15.77 -14.44
C GLY A 511 6.19 -14.62 -13.56
N ALA A 512 6.88 -13.65 -14.15
CA ALA A 512 7.35 -12.49 -13.39
C ALA A 512 6.12 -11.64 -13.05
N THR A 513 6.28 -10.70 -12.13
CA THR A 513 5.18 -9.83 -11.72
C THR A 513 5.05 -8.70 -12.75
N ALA A 514 4.42 -9.02 -13.87
CA ALA A 514 4.25 -8.08 -14.97
C ALA A 514 2.99 -7.20 -14.87
N GLU A 515 2.90 -6.44 -13.77
CA GLU A 515 1.77 -5.55 -13.54
C GLU A 515 1.84 -4.44 -14.59
N ALA A 516 0.72 -4.18 -15.25
CA ALA A 516 0.69 -3.19 -16.31
C ALA A 516 -0.52 -2.26 -16.22
N GLN A 517 -0.43 -1.14 -16.92
CA GLN A 517 -1.49 -0.14 -17.00
C GLN A 517 -1.56 0.29 -18.48
N ILE A 518 -2.75 0.61 -18.95
CA ILE A 518 -3.02 0.94 -20.35
C ILE A 518 -3.35 2.40 -20.65
N VAL A 519 -2.77 2.91 -21.73
CA VAL A 519 -3.01 4.28 -22.17
C VAL A 519 -3.40 4.27 -23.66
N GLU A 520 -4.31 5.17 -24.05
CA GLU A 520 -4.79 5.25 -25.43
C GLU A 520 -4.13 6.36 -26.25
N MET A 521 -3.76 6.02 -27.49
CA MET A 521 -3.14 6.98 -28.41
C MET A 521 -4.25 7.76 -29.11
N PRO A 522 -3.90 8.92 -29.72
CA PRO A 522 -4.89 9.74 -30.41
C PRO A 522 -5.82 9.01 -31.38
N ASP A 523 -5.29 8.05 -32.13
CA ASP A 523 -6.10 7.33 -33.11
C ASP A 523 -6.83 6.12 -32.56
N GLY A 524 -6.68 5.85 -31.28
CA GLY A 524 -7.34 4.70 -30.69
C GLY A 524 -6.43 3.52 -30.42
N SER A 525 -5.22 3.54 -30.99
CA SER A 525 -4.29 2.44 -30.75
C SER A 525 -3.92 2.52 -29.26
N LEU A 526 -3.31 1.48 -28.71
CA LEU A 526 -3.00 1.47 -27.30
C LEU A 526 -1.54 1.18 -27.00
N LYS A 527 -1.03 1.77 -25.92
CA LYS A 527 0.33 1.53 -25.45
C LYS A 527 0.17 1.09 -24.00
N THR A 528 0.79 -0.03 -23.65
CA THR A 528 0.74 -0.55 -22.29
C THR A 528 2.14 -0.48 -21.70
N TYR A 529 2.24 0.02 -20.47
CA TYR A 529 3.51 0.14 -19.78
C TYR A 529 3.47 -0.88 -18.64
N LEU A 530 4.56 -1.63 -18.48
CA LEU A 530 4.56 -2.66 -17.46
C LEU A 530 5.83 -2.88 -16.67
N ARG A 531 5.64 -3.41 -15.47
CA ARG A 531 6.72 -3.78 -14.57
C ARG A 531 7.24 -5.08 -15.19
N THR A 532 8.55 -5.33 -15.09
CA THR A 532 9.12 -6.57 -15.62
C THR A 532 10.06 -7.17 -14.58
N GLY A 533 10.56 -8.37 -14.85
CA GLY A 533 11.51 -9.00 -13.95
C GLY A 533 12.95 -8.54 -14.22
N SER A 534 13.12 -7.56 -15.10
CA SER A 534 14.44 -7.02 -15.46
C SER A 534 14.56 -5.57 -14.98
N ASN A 535 15.74 -4.97 -15.09
CA ASN A 535 15.92 -3.59 -14.64
C ASN A 535 15.32 -2.48 -15.51
N CYS A 536 14.11 -2.68 -16.02
CA CYS A 536 13.45 -1.65 -16.84
C CYS A 536 11.94 -1.82 -16.92
N ILE A 537 11.25 -0.74 -17.24
CA ILE A 537 9.81 -0.75 -17.45
C ILE A 537 9.69 -1.00 -18.96
N ALA A 538 8.78 -1.87 -19.37
CA ALA A 538 8.62 -2.15 -20.78
C ALA A 538 7.37 -1.49 -21.38
N GLU A 539 7.42 -1.29 -22.69
CA GLU A 539 6.32 -0.71 -23.44
C GLU A 539 5.92 -1.67 -24.57
N VAL A 540 4.63 -1.89 -24.74
CA VAL A 540 4.10 -2.74 -25.81
C VAL A 540 2.99 -1.94 -26.46
N THR A 541 2.78 -2.15 -27.76
CA THR A 541 1.75 -1.43 -28.51
C THR A 541 0.80 -2.35 -29.27
N SER A 542 -0.46 -1.94 -29.38
CA SER A 542 -1.49 -2.68 -30.08
C SER A 542 -2.21 -1.75 -31.03
N ILE A 543 -2.40 -2.21 -32.27
CA ILE A 543 -3.09 -1.45 -33.30
C ILE A 543 -4.43 -2.12 -33.61
N ASP A 544 -4.76 -3.17 -32.88
CA ASP A 544 -6.02 -3.88 -33.12
C ASP A 544 -6.91 -3.99 -31.87
N GLY A 545 -6.99 -2.90 -31.12
CA GLY A 545 -7.82 -2.87 -29.93
C GLY A 545 -7.42 -3.82 -28.81
N GLY A 546 -6.13 -4.14 -28.74
CA GLY A 546 -5.65 -5.04 -27.70
C GLY A 546 -5.68 -6.53 -27.97
N GLU A 547 -5.96 -6.93 -29.21
CA GLU A 547 -6.01 -8.34 -29.56
C GLU A 547 -4.62 -8.96 -29.74
N THR A 548 -3.68 -8.16 -30.24
CA THR A 548 -2.29 -8.60 -30.41
C THR A 548 -1.40 -7.44 -29.97
N TRP A 549 -0.22 -7.78 -29.45
CA TRP A 549 0.73 -6.78 -28.95
C TRP A 549 2.15 -6.97 -29.48
N SER A 550 2.85 -5.86 -29.68
CA SER A 550 4.23 -5.90 -30.16
C SER A 550 5.14 -6.43 -29.07
N ASP A 551 6.41 -6.67 -29.42
CA ASP A 551 7.39 -7.16 -28.47
C ASP A 551 7.72 -6.04 -27.49
N ARG A 552 8.22 -6.40 -26.31
CA ARG A 552 8.57 -5.40 -25.31
C ARG A 552 9.78 -4.55 -25.69
N VAL A 553 9.67 -3.26 -25.43
CA VAL A 553 10.75 -2.31 -25.69
C VAL A 553 10.97 -1.56 -24.37
N PRO A 554 12.21 -1.57 -23.86
CA PRO A 554 12.51 -0.86 -22.60
C PRO A 554 12.16 0.61 -22.71
N LEU A 555 11.58 1.14 -21.63
CA LEU A 555 11.23 2.55 -21.58
C LEU A 555 12.51 3.28 -21.19
N GLN A 556 13.17 3.83 -22.20
CA GLN A 556 14.43 4.54 -22.05
C GLN A 556 14.41 5.76 -21.13
N GLY A 557 15.33 5.81 -20.18
CA GLY A 557 15.41 6.97 -19.30
C GLY A 557 14.65 6.99 -17.99
N ILE A 558 13.79 6.01 -17.76
CA ILE A 558 13.04 5.96 -16.50
C ILE A 558 13.54 4.73 -15.73
N SER A 559 14.44 5.00 -14.79
CA SER A 559 15.08 3.96 -13.97
C SER A 559 14.15 3.19 -13.03
N THR A 560 14.54 1.96 -12.73
CA THR A 560 13.76 1.12 -11.84
C THR A 560 14.60 -0.02 -11.29
N THR A 561 13.96 -0.89 -10.52
CA THR A 561 14.61 -2.04 -9.88
C THR A 561 14.43 -3.32 -10.71
N SER A 562 15.21 -4.35 -10.39
CA SER A 562 15.10 -5.63 -11.07
C SER A 562 13.79 -6.30 -10.64
N TYR A 563 13.52 -6.32 -9.34
CA TYR A 563 12.27 -6.91 -8.85
C TYR A 563 11.07 -6.08 -9.29
N GLY A 564 11.29 -4.77 -9.46
CA GLY A 564 10.27 -3.87 -9.93
C GLY A 564 9.21 -3.41 -8.95
N THR A 565 8.37 -2.48 -9.40
CA THR A 565 7.27 -1.96 -8.61
C THR A 565 6.14 -1.59 -9.59
N GLN A 566 4.91 -1.77 -9.14
CA GLN A 566 3.73 -1.41 -9.93
C GLN A 566 3.86 0.06 -10.31
N LEU A 567 3.25 0.43 -11.43
CA LEU A 567 3.29 1.81 -11.90
C LEU A 567 1.88 2.27 -12.24
N SER A 568 1.72 3.57 -12.44
CA SER A 568 0.43 4.12 -12.83
C SER A 568 0.73 5.04 -14.01
N VAL A 569 -0.04 4.88 -15.09
CA VAL A 569 0.12 5.73 -16.26
C VAL A 569 -1.30 6.03 -16.72
N ILE A 570 -1.59 7.31 -16.93
CA ILE A 570 -2.92 7.73 -17.34
C ILE A 570 -2.92 8.73 -18.48
N ASN A 571 -4.06 8.84 -19.15
CA ASN A 571 -4.25 9.80 -20.23
C ASN A 571 -4.69 11.09 -19.54
N TYR A 572 -4.22 12.23 -20.03
CA TYR A 572 -4.64 13.52 -19.48
C TYR A 572 -5.55 14.10 -20.58
N SER A 573 -6.68 14.69 -20.18
CA SER A 573 -7.66 15.20 -21.14
C SER A 573 -7.29 16.42 -21.97
N GLN A 574 -6.41 17.27 -21.44
CA GLN A 574 -6.02 18.47 -22.15
C GLN A 574 -4.58 18.36 -22.65
N PRO A 575 -4.25 19.06 -23.73
CA PRO A 575 -2.87 18.99 -24.23
C PRO A 575 -1.90 19.74 -23.31
N ILE A 576 -0.65 19.30 -23.29
CA ILE A 576 0.41 19.92 -22.51
C ILE A 576 1.48 20.30 -23.55
N ASP A 577 1.86 21.58 -23.57
CA ASP A 577 2.81 22.11 -24.55
C ASP A 577 2.24 21.87 -25.96
N GLY A 578 0.91 21.85 -26.05
CA GLY A 578 0.24 21.63 -27.33
C GLY A 578 0.15 20.21 -27.85
N LYS A 579 0.60 19.24 -27.07
CA LYS A 579 0.58 17.83 -27.49
C LYS A 579 -0.24 16.93 -26.58
N PRO A 580 -0.72 15.80 -27.11
CA PRO A 580 -1.50 14.86 -26.29
C PRO A 580 -0.49 14.41 -25.22
N ALA A 581 -0.94 14.25 -23.98
CA ALA A 581 -0.03 13.87 -22.92
C ALA A 581 -0.50 12.72 -22.06
N ILE A 582 0.47 11.98 -21.53
CA ILE A 582 0.17 10.87 -20.62
C ILE A 582 1.02 11.18 -19.38
N ILE A 583 0.62 10.67 -18.22
CA ILE A 583 1.33 10.95 -16.97
C ILE A 583 1.66 9.63 -16.28
N LEU A 584 2.90 9.48 -15.85
CA LEU A 584 3.35 8.24 -15.21
C LEU A 584 3.92 8.46 -13.80
N SER A 585 3.66 7.52 -12.91
CA SER A 585 4.12 7.57 -11.52
C SER A 585 4.81 6.26 -11.17
N SER A 586 5.98 6.37 -10.52
CA SER A 586 6.77 5.21 -10.10
C SER A 586 7.99 5.60 -9.27
N PRO A 587 8.43 4.71 -8.36
CA PRO A 587 9.62 5.07 -7.57
C PRO A 587 10.78 5.02 -8.60
N ASN A 588 11.71 5.96 -8.52
CA ASN A 588 12.81 6.07 -9.48
C ASN A 588 14.14 5.42 -9.12
N ALA A 589 14.26 4.90 -7.90
CA ALA A 589 15.50 4.28 -7.45
C ALA A 589 15.78 2.94 -8.13
N THR A 590 17.08 2.60 -8.28
CA THR A 590 17.49 1.33 -8.88
C THR A 590 17.56 0.20 -7.85
N ASN A 591 17.35 0.55 -6.59
CA ASN A 591 17.32 -0.42 -5.50
C ASN A 591 16.57 0.23 -4.33
N GLY A 592 15.54 -0.47 -3.87
CA GLY A 592 14.70 0.04 -2.80
C GLY A 592 13.56 0.79 -3.46
N ARG A 593 12.37 0.73 -2.86
CA ARG A 593 11.21 1.43 -3.42
C ARG A 593 11.20 2.83 -2.82
N LYS A 594 11.83 3.77 -3.53
CA LYS A 594 11.95 5.14 -3.06
C LYS A 594 12.17 6.13 -4.20
N ASN A 595 12.17 7.41 -3.86
CA ASN A 595 12.35 8.51 -4.80
C ASN A 595 11.26 8.49 -5.86
N GLY A 596 10.00 8.63 -5.40
CA GLY A 596 8.87 8.64 -6.30
C GLY A 596 8.88 9.86 -7.20
N LYS A 597 8.49 9.66 -8.46
CA LYS A 597 8.47 10.75 -9.41
C LYS A 597 7.26 10.62 -10.33
N ILE A 598 6.75 11.78 -10.74
CA ILE A 598 5.63 11.85 -11.67
C ILE A 598 6.22 12.43 -12.95
N TRP A 599 6.04 11.72 -14.04
CA TRP A 599 6.57 12.13 -15.34
C TRP A 599 5.44 12.49 -16.28
N ILE A 600 5.71 13.44 -17.17
CA ILE A 600 4.77 13.85 -18.19
C ILE A 600 5.37 13.46 -19.54
N GLY A 601 4.63 12.63 -20.27
CA GLY A 601 5.07 12.17 -21.59
C GLY A 601 4.22 12.78 -22.68
N LEU A 602 4.88 13.43 -23.63
CA LEU A 602 4.21 14.08 -24.77
C LEU A 602 4.20 13.14 -25.96
N VAL A 603 3.01 12.88 -26.50
CA VAL A 603 2.84 12.00 -27.65
C VAL A 603 3.17 12.70 -28.97
N ASN A 604 4.09 12.12 -29.72
CA ASN A 604 4.50 12.68 -31.01
C ASN A 604 4.15 11.69 -32.11
N ASP A 605 3.70 12.22 -33.24
CA ASP A 605 3.40 11.38 -34.38
C ASP A 605 4.72 11.37 -35.17
N THR A 606 5.29 10.18 -35.33
CA THR A 606 6.58 10.05 -36.02
C THR A 606 6.48 10.13 -37.53
N GLY A 607 5.29 9.92 -38.08
CA GLY A 607 5.12 9.96 -39.52
C GLY A 607 5.03 8.54 -40.06
N ASN A 608 5.29 7.56 -39.21
CA ASN A 608 5.22 6.16 -39.60
C ASN A 608 3.80 5.65 -39.36
N THR A 609 3.54 4.41 -39.72
CA THR A 609 2.22 3.82 -39.51
C THR A 609 2.33 2.56 -38.68
N GLY A 610 1.20 2.07 -38.18
CA GLY A 610 1.20 0.86 -37.39
C GLY A 610 1.78 1.09 -36.00
N ILE A 611 2.50 0.10 -35.50
CA ILE A 611 3.08 0.17 -34.17
C ILE A 611 4.15 1.25 -33.97
N ASP A 612 4.75 1.73 -35.05
CA ASP A 612 5.77 2.77 -34.95
C ASP A 612 5.21 4.18 -35.18
N LYS A 613 3.89 4.28 -35.26
CA LYS A 613 3.24 5.57 -35.50
C LYS A 613 3.53 6.63 -34.46
N TYR A 614 3.47 6.26 -33.18
CA TYR A 614 3.70 7.22 -32.10
C TYR A 614 4.97 7.01 -31.27
N SER A 615 5.49 8.11 -30.76
CA SER A 615 6.67 8.11 -29.92
C SER A 615 6.37 9.05 -28.76
N VAL A 616 6.61 8.59 -27.54
CA VAL A 616 6.37 9.40 -26.34
C VAL A 616 7.67 10.02 -25.83
N GLU A 617 7.69 11.34 -25.73
CA GLU A 617 8.85 12.05 -25.20
C GLU A 617 8.62 12.35 -23.72
N TRP A 618 9.36 11.71 -22.83
CA TRP A 618 9.21 11.95 -21.39
C TRP A 618 9.98 13.22 -21.05
N LYS A 619 9.31 14.35 -21.29
CA LYS A 619 9.89 15.68 -21.11
C LYS A 619 10.04 16.22 -19.70
N TYR A 620 9.13 15.85 -18.80
CA TYR A 620 9.15 16.36 -17.43
C TYR A 620 9.15 15.26 -16.37
N SER A 621 9.81 15.52 -15.25
CA SER A 621 9.83 14.60 -14.12
C SER A 621 9.69 15.48 -12.88
N TYR A 622 8.90 15.03 -11.92
CA TYR A 622 8.65 15.78 -10.70
C TYR A 622 8.92 14.88 -9.50
N ALA A 623 9.84 15.31 -8.63
CA ALA A 623 10.18 14.53 -7.43
C ALA A 623 9.22 14.88 -6.30
N VAL A 624 8.51 13.88 -5.81
CA VAL A 624 7.54 14.07 -4.74
C VAL A 624 8.14 14.38 -3.37
N ASP A 625 9.39 13.93 -3.15
CA ASP A 625 10.08 14.13 -1.88
C ASP A 625 11.59 14.00 -2.17
N THR A 626 12.39 13.68 -1.15
CA THR A 626 13.83 13.52 -1.31
C THR A 626 14.14 12.09 -1.81
N PRO A 627 15.34 11.86 -2.36
CA PRO A 627 15.75 10.54 -2.89
C PRO A 627 15.62 9.29 -2.04
N GLN A 628 15.78 9.41 -0.72
CA GLN A 628 15.67 8.22 0.15
C GLN A 628 14.27 8.00 0.72
N MET A 629 13.35 8.92 0.48
CA MET A 629 11.99 8.79 0.99
C MET A 629 11.19 7.70 0.26
N GLY A 630 10.55 6.84 1.04
CA GLY A 630 9.77 5.73 0.51
C GLY A 630 8.62 6.08 -0.42
N TYR A 631 8.45 5.26 -1.45
CA TYR A 631 7.40 5.45 -2.45
C TYR A 631 7.23 4.13 -3.21
N SER A 632 6.07 3.50 -3.09
CA SER A 632 5.87 2.23 -3.78
C SER A 632 4.70 2.28 -4.78
N TYR A 633 3.66 1.46 -4.57
CA TYR A 633 2.51 1.45 -5.47
C TYR A 633 1.79 2.80 -5.48
N SER A 634 1.14 3.11 -6.59
CA SER A 634 0.43 4.39 -6.73
C SER A 634 -0.62 4.36 -7.83
N CYS A 635 -1.49 5.37 -7.84
CA CYS A 635 -2.50 5.48 -8.87
C CYS A 635 -2.84 6.95 -9.05
N LEU A 636 -2.69 7.41 -10.29
CA LEU A 636 -2.96 8.78 -10.69
C LEU A 636 -4.41 8.92 -11.18
N ALA A 637 -4.93 10.14 -11.14
CA ALA A 637 -6.27 10.43 -11.62
C ALA A 637 -6.39 11.91 -11.91
N GLU A 638 -6.98 12.27 -13.05
CA GLU A 638 -7.17 13.67 -13.37
C GLU A 638 -8.46 14.07 -12.66
N LEU A 639 -8.37 15.03 -11.75
CA LEU A 639 -9.54 15.49 -10.99
C LEU A 639 -10.39 16.43 -11.83
N PRO A 640 -11.65 16.67 -11.42
CA PRO A 640 -12.55 17.57 -12.16
C PRO A 640 -11.94 18.95 -12.46
N ASP A 641 -11.17 19.50 -11.53
CA ASP A 641 -10.50 20.77 -11.82
C ASP A 641 -9.30 20.35 -12.69
N GLY A 642 -8.33 21.20 -12.92
CA GLY A 642 -7.23 20.70 -13.76
C GLY A 642 -6.25 19.73 -13.09
N GLN A 643 -6.28 19.66 -11.77
CA GLN A 643 -5.34 18.86 -11.01
C GLN A 643 -5.22 17.36 -11.21
N VAL A 644 -4.05 16.85 -10.86
CA VAL A 644 -3.74 15.43 -10.95
C VAL A 644 -3.66 14.90 -9.50
N GLY A 645 -4.60 14.03 -9.16
CA GLY A 645 -4.63 13.43 -7.84
C GLY A 645 -3.68 12.24 -7.79
N LEU A 646 -3.16 11.91 -6.61
CA LEU A 646 -2.23 10.81 -6.45
C LEU A 646 -2.48 10.10 -5.12
N LEU A 647 -2.82 8.81 -5.17
CA LEU A 647 -3.02 8.00 -3.99
C LEU A 647 -1.84 7.03 -4.05
N TYR A 648 -0.97 7.04 -3.05
CA TYR A 648 0.21 6.18 -3.07
C TYR A 648 0.71 5.68 -1.72
N GLU A 649 1.56 4.65 -1.78
CA GLU A 649 2.17 4.06 -0.60
C GLU A 649 3.44 4.86 -0.28
N LYS A 650 3.40 5.68 0.78
CA LYS A 650 4.57 6.48 1.14
C LYS A 650 5.53 5.75 2.08
N TYR A 651 6.05 4.62 1.60
CA TYR A 651 7.01 3.79 2.33
C TYR A 651 7.52 2.75 1.33
N ASP A 652 8.46 1.91 1.76
CA ASP A 652 8.99 0.87 0.88
C ASP A 652 8.21 -0.41 1.20
N SER A 653 7.25 -0.75 0.34
CA SER A 653 6.41 -1.93 0.55
C SER A 653 7.06 -3.29 0.23
N TRP A 654 8.30 -3.27 -0.25
CA TRP A 654 9.02 -4.50 -0.57
C TRP A 654 9.91 -4.87 0.61
N SER A 655 10.52 -3.84 1.21
CA SER A 655 11.43 -3.98 2.35
C SER A 655 10.93 -4.83 3.50
N ARG A 656 11.82 -5.68 4.00
CA ARG A 656 11.50 -6.54 5.12
C ARG A 656 11.58 -5.77 6.44
N ASN A 657 12.02 -4.51 6.39
CA ASN A 657 12.14 -3.66 7.57
C ASN A 657 11.01 -2.64 7.70
N GLU A 658 10.15 -2.56 6.69
CA GLU A 658 9.06 -1.58 6.72
C GLU A 658 7.67 -2.21 6.61
N LEU A 659 7.56 -3.45 7.07
CA LEU A 659 6.29 -4.16 7.03
C LEU A 659 5.41 -3.67 8.18
N HIS A 660 4.10 -3.84 8.00
CA HIS A 660 3.14 -3.50 9.04
C HIS A 660 3.19 -2.09 9.62
N LEU A 661 3.10 -1.09 8.76
CA LEU A 661 3.09 0.31 9.19
C LEU A 661 1.70 0.84 8.93
N LYS A 662 1.14 1.58 9.89
CA LYS A 662 -0.20 2.15 9.74
C LYS A 662 -0.19 3.53 9.09
N ASP A 663 -1.25 3.81 8.35
CA ASP A 663 -1.46 5.09 7.68
C ASP A 663 -0.35 5.59 6.76
N ILE A 664 0.04 4.76 5.80
CA ILE A 664 1.08 5.13 4.84
C ILE A 664 0.49 5.41 3.45
N LEU A 665 -0.82 5.19 3.29
CA LEU A 665 -1.48 5.42 2.00
C LEU A 665 -1.96 6.87 1.99
N LYS A 666 -1.23 7.71 1.26
CA LYS A 666 -1.52 9.14 1.21
C LYS A 666 -2.12 9.65 -0.11
N PHE A 667 -2.95 10.68 0.01
CA PHE A 667 -3.60 11.30 -1.14
C PHE A 667 -3.10 12.74 -1.29
N GLU A 668 -2.50 13.04 -2.44
CA GLU A 668 -1.97 14.37 -2.74
C GLU A 668 -2.46 14.84 -4.13
N LYS A 669 -2.48 16.15 -4.35
CA LYS A 669 -2.93 16.75 -5.61
C LYS A 669 -1.84 17.66 -6.14
N TYR A 670 -1.70 17.72 -7.45
CA TYR A 670 -0.67 18.55 -8.09
C TYR A 670 -1.22 19.20 -9.36
N SER A 671 -0.87 20.46 -9.59
CA SER A 671 -1.30 21.15 -10.80
C SER A 671 -0.29 20.86 -11.91
N ILE A 672 -0.70 21.03 -13.16
CA ILE A 672 0.20 20.79 -14.29
C ILE A 672 1.36 21.77 -14.17
N SER A 673 1.07 22.98 -13.68
CA SER A 673 2.08 24.01 -13.49
C SER A 673 3.19 23.47 -12.57
N GLU A 674 2.79 22.85 -11.46
CA GLU A 674 3.72 22.28 -10.51
C GLU A 674 4.52 21.16 -11.16
N LEU A 675 3.79 20.21 -11.75
CA LEU A 675 4.40 19.05 -12.41
C LEU A 675 5.43 19.40 -13.49
N THR A 676 5.21 20.48 -14.24
CA THR A 676 6.14 20.87 -15.30
C THR A 676 7.27 21.76 -14.78
N GLY A 677 7.43 21.81 -13.46
CA GLY A 677 8.47 22.61 -12.85
C GLY A 677 8.26 24.10 -13.06
N GLN A 678 7.09 24.46 -13.58
CA GLN A 678 6.76 25.85 -13.85
C GLN A 678 6.22 26.52 -12.57
N ALA A 679 6.78 26.12 -11.43
CA ALA A 679 6.40 26.62 -10.10
C ALA A 679 5.08 26.01 -9.60
C1 SKD B . 4.55 -6.31 -4.60
C2 SKD B . 3.41 -7.32 -4.56
C3 SKD B . 2.12 -6.72 -3.97
C4 SKD B . 0.91 -7.39 -4.66
C5 SKD B . 1.19 -8.90 -4.95
C6 SKD B . 2.57 -9.09 -5.66
C7 SKD B . 3.48 -9.64 -4.55
C8 SKD B . 4.77 -10.30 -5.08
C9 SKD B . 4.48 -11.58 -5.86
C10 SKD B . -0.24 -10.75 -5.60
C11 SKD B . -1.40 -11.25 -6.43
N5 SKD B . 0.10 -9.47 -5.73
O1A SKD B . 4.56 -5.39 -3.76
O1B SKD B . 5.46 -6.47 -5.44
O4 SKD B . -0.26 -7.26 -3.87
O6 SKD B . 3.11 -7.78 -5.88
O7 SKD B . 3.83 -8.46 -3.80
O8 SKD B . 5.46 -9.38 -5.93
O9 SKD B . 4.13 -11.27 -7.20
O10 SKD B . 0.38 -11.54 -4.87
#